data_3INU
#
_entry.id   3INU
#
_cell.length_a   129.520
_cell.length_b   129.520
_cell.length_c   184.960
_cell.angle_alpha   90.000
_cell.angle_beta   90.000
_cell.angle_gamma   120.000
#
_symmetry.space_group_name_H-M   'P 32 2 1'
#
loop_
_entity.id
_entity.type
_entity.pdbx_description
1 polymer 'KZ52 antibody fragment heavy chain'
2 polymer 'KZ52 antibody fragment light chain'
3 non-polymer 'SULFATE ION'
4 non-polymer GLYCEROL
5 water water
#
loop_
_entity_poly.entity_id
_entity_poly.type
_entity_poly.pdbx_seq_one_letter_code
_entity_poly.pdbx_strand_id
1 'polypeptide(L)'
;EVQLLESGGGLVKPGGSLRLSCAASGFTLINYRMNWVRQAPGKGLEWVSSISSSSSYIHYADSVKGRFTISRDNAENSLY
LQMNSLRAEDTAVYYCVREGPRATGYSMADVFDIWGQGTMVTVSSASTKGPSVFPLAPSSKSTSGGTAALGCLVKDYFPE
PVTVSWNSGALTSGVHTFPAVLQSSGLYSLSSVVTVPSSSLGTQTYICNVNHKPSNTKVDKKVEPK
;
H,M
2 'polypeptide(L)'
;ELVMTQSPDSLAVSLGERATINCKSSQSVLYSSNNKSYLAWYQQKPGQPPKLLIYWASTRESGVPDRFSGSGSGTDFTLT
ISSLQAEDVAVYYCQQYYSAPLTFGGGTKVEIKRTVAAPSVFIFPPSDEQLKSGTASVVCLLNNFYPREAKVQWKVDNAL
QSGNSQESVTEQDSKDSTYSLSSTLTLSKADYEKHKVYACEVTHQGLRSPVTKSFNR
;
L,N
#
# COMPACT_ATOMS: atom_id res chain seq x y z
N GLU A 1 -25.78 15.97 -9.46
CA GLU A 1 -27.02 16.72 -9.34
C GLU A 1 -26.83 17.95 -8.46
N VAL A 2 -26.27 17.77 -7.26
CA VAL A 2 -26.02 18.92 -6.39
C VAL A 2 -24.58 19.42 -6.53
N GLN A 3 -24.41 20.61 -7.09
CA GLN A 3 -23.07 21.03 -7.47
C GLN A 3 -22.87 22.53 -7.71
N LEU A 4 -21.61 22.91 -7.87
CA LEU A 4 -21.21 24.30 -8.06
C LEU A 4 -20.36 24.45 -9.31
N LEU A 5 -20.87 25.16 -10.31
CA LEU A 5 -20.12 25.34 -11.56
C LEU A 5 -19.42 26.67 -11.56
N GLU A 6 -18.09 26.62 -11.61
CA GLU A 6 -17.25 27.80 -11.48
C GLU A 6 -16.80 28.31 -12.85
N SER A 7 -16.70 29.63 -12.97
CA SER A 7 -16.06 30.23 -14.13
C SER A 7 -15.23 31.45 -13.75
N GLY A 8 -14.45 31.93 -14.70
CA GLY A 8 -13.55 33.04 -14.45
C GLY A 8 -12.14 32.54 -14.23
N GLY A 9 -11.26 33.42 -13.81
CA GLY A 9 -9.89 33.04 -13.55
C GLY A 9 -8.98 33.20 -14.75
N GLY A 10 -7.74 32.78 -14.58
CA GLY A 10 -6.78 32.89 -15.65
C GLY A 10 -5.62 33.79 -15.30
N LEU A 11 -4.95 34.27 -16.33
CA LEU A 11 -3.75 35.07 -16.17
C LEU A 11 -4.12 36.52 -15.93
N VAL A 12 -3.40 37.17 -15.03
CA VAL A 12 -3.65 38.58 -14.79
C VAL A 12 -2.36 39.23 -14.35
N LYS A 13 -2.16 40.49 -14.72
CA LYS A 13 -0.94 41.19 -14.34
C LYS A 13 -0.97 41.66 -12.90
N PRO A 14 0.20 41.74 -12.27
CA PRO A 14 0.23 42.30 -10.91
C PRO A 14 -0.49 43.62 -10.94
N GLY A 15 -1.33 43.86 -9.94
CA GLY A 15 -2.05 45.11 -9.86
C GLY A 15 -3.35 45.03 -10.62
N GLY A 16 -3.46 43.99 -11.45
CA GLY A 16 -4.65 43.80 -12.24
C GLY A 16 -5.80 43.26 -11.41
N SER A 17 -6.89 42.95 -12.08
CA SER A 17 -8.08 42.50 -11.38
C SER A 17 -8.81 41.46 -12.20
N LEU A 18 -9.68 40.71 -11.53
CA LEU A 18 -10.27 39.52 -12.09
C LEU A 18 -11.54 39.25 -11.30
N ARG A 19 -12.58 38.75 -11.96
CA ARG A 19 -13.82 38.41 -11.26
C ARG A 19 -14.17 36.92 -11.40
N LEU A 20 -14.31 36.23 -10.28
CA LEU A 20 -14.74 34.84 -10.30
C LEU A 20 -16.23 34.75 -10.07
N SER A 21 -16.86 33.75 -10.68
CA SER A 21 -18.24 33.47 -10.37
C SER A 21 -18.55 31.97 -10.28
N CYS A 22 -19.58 31.66 -9.51
CA CYS A 22 -19.98 30.30 -9.28
C CYS A 22 -21.49 30.21 -9.38
N ALA A 23 -21.97 29.20 -10.10
CA ALA A 23 -23.38 28.99 -10.23
C ALA A 23 -23.74 27.67 -9.57
N ALA A 24 -24.73 27.70 -8.69
CA ALA A 24 -25.18 26.48 -8.05
C ALA A 24 -26.31 25.86 -8.85
N SER A 25 -26.28 24.54 -9.00
CA SER A 25 -27.44 23.80 -9.50
C SER A 25 -27.73 22.64 -8.56
N GLY A 26 -28.99 22.27 -8.45
CA GLY A 26 -29.38 21.14 -7.63
C GLY A 26 -29.70 21.54 -6.21
N PHE A 27 -29.61 22.83 -5.93
CA PHE A 27 -30.02 23.39 -4.63
C PHE A 27 -30.13 24.89 -4.73
N THR A 28 -30.58 25.51 -3.65
CA THR A 28 -30.93 26.93 -3.68
C THR A 28 -30.00 27.72 -2.76
N LEU A 29 -29.23 28.61 -3.36
CA LEU A 29 -28.23 29.39 -2.64
C LEU A 29 -28.78 29.99 -1.36
N ILE A 30 -30.01 30.49 -1.43
CA ILE A 30 -30.62 31.24 -0.35
C ILE A 30 -30.44 30.56 1.02
N ASN A 31 -30.44 29.23 1.04
CA ASN A 31 -30.40 28.53 2.31
C ASN A 31 -29.04 28.38 2.98
N TYR A 32 -27.96 28.63 2.25
CA TYR A 32 -26.64 28.33 2.79
C TYR A 32 -25.70 29.53 2.84
N ARG A 33 -24.74 29.46 3.75
CA ARG A 33 -23.69 30.45 3.83
C ARG A 33 -22.62 30.04 2.82
N MET A 34 -22.13 31.00 2.03
CA MET A 34 -21.24 30.68 0.92
C MET A 34 -19.82 31.17 1.16
N ASN A 35 -18.85 30.38 0.74
CA ASN A 35 -17.47 30.73 0.94
C ASN A 35 -16.62 30.61 -0.30
N TRP A 36 -15.43 31.19 -0.23
CA TRP A 36 -14.37 30.96 -1.20
C TRP A 36 -13.17 30.43 -0.44
N VAL A 37 -12.51 29.41 -0.97
CA VAL A 37 -11.29 28.86 -0.40
C VAL A 37 -10.26 28.74 -1.51
N ARG A 38 -8.99 29.02 -1.21
CA ARG A 38 -7.93 28.95 -2.22
C ARG A 38 -6.86 27.95 -1.84
N GLN A 39 -6.17 27.49 -2.86
CA GLN A 39 -5.10 26.56 -2.65
C GLN A 39 -4.06 26.87 -3.68
N ALA A 40 -2.87 27.22 -3.21
CA ALA A 40 -1.78 27.62 -4.08
C ALA A 40 -1.04 26.38 -4.52
N PRO A 41 -0.58 26.37 -5.76
CA PRO A 41 0.09 25.21 -6.36
C PRO A 41 1.08 24.59 -5.40
N GLY A 42 0.77 23.41 -4.88
CA GLY A 42 1.71 22.67 -4.06
C GLY A 42 1.53 22.86 -2.57
N LYS A 43 0.52 23.61 -2.17
CA LYS A 43 0.40 23.92 -0.76
C LYS A 43 -0.98 23.60 -0.21
N GLY A 44 -1.25 24.08 1.00
CA GLY A 44 -2.45 23.71 1.73
C GLY A 44 -3.66 24.53 1.35
N LEU A 45 -4.69 24.50 2.19
CA LEU A 45 -5.94 25.19 1.88
C LEU A 45 -6.11 26.41 2.76
N GLU A 46 -6.58 27.49 2.17
CA GLU A 46 -6.69 28.75 2.90
C GLU A 46 -8.06 29.37 2.68
N TRP A 47 -8.84 29.48 3.77
CA TRP A 47 -10.13 30.14 3.69
C TRP A 47 -9.90 31.59 3.27
N VAL A 48 -10.72 32.06 2.34
CA VAL A 48 -10.57 33.40 1.78
C VAL A 48 -11.70 34.33 2.18
N SER A 49 -12.93 33.85 2.11
CA SER A 49 -14.06 34.73 2.36
C SER A 49 -15.39 34.00 2.56
N SER A 50 -16.32 34.66 3.25
CA SER A 50 -17.62 34.06 3.47
C SER A 50 -18.73 35.10 3.40
N ILE A 51 -19.90 34.64 3.01
CA ILE A 51 -21.06 35.52 2.85
C ILE A 51 -22.33 34.78 3.29
N SER A 52 -22.97 35.32 4.31
CA SER A 52 -24.23 34.78 4.80
C SER A 52 -25.33 34.95 3.76
N SER A 53 -26.39 34.16 3.90
CA SER A 53 -27.49 34.13 2.93
C SER A 53 -28.02 35.48 2.49
N SER A 54 -28.15 36.41 3.44
CA SER A 54 -28.74 37.71 3.17
C SER A 54 -27.71 38.75 2.81
N SER A 55 -26.44 38.34 2.77
CA SER A 55 -25.32 39.26 2.60
C SER A 55 -25.17 40.20 3.79
N SER A 56 -25.79 39.85 4.92
CA SER A 56 -25.74 40.70 6.09
C SER A 56 -24.50 40.52 6.95
N TYR A 57 -23.79 39.42 6.72
CA TYR A 57 -22.56 39.10 7.44
C TYR A 57 -21.55 38.57 6.47
N ILE A 58 -20.48 39.34 6.28
CA ILE A 58 -19.45 39.09 5.28
C ILE A 58 -18.09 39.13 5.95
N HIS A 59 -17.23 38.16 5.67
CA HIS A 59 -15.88 38.14 6.27
C HIS A 59 -14.79 37.80 5.30
N TYR A 60 -13.59 38.29 5.58
CA TYR A 60 -12.47 38.06 4.71
C TYR A 60 -11.26 37.58 5.51
N ALA A 61 -10.39 36.82 4.87
CA ALA A 61 -9.12 36.49 5.49
C ALA A 61 -8.22 37.75 5.51
N ASP A 62 -7.29 37.81 6.46
CA ASP A 62 -6.42 38.98 6.60
C ASP A 62 -5.69 39.33 5.31
N SER A 63 -5.16 38.30 4.66
CA SER A 63 -4.30 38.47 3.50
C SER A 63 -5.00 39.13 2.32
N VAL A 64 -6.30 39.26 2.41
CA VAL A 64 -7.08 39.57 1.25
C VAL A 64 -7.83 40.88 1.45
N LYS A 65 -7.77 41.40 2.66
CA LYS A 65 -8.66 42.48 3.04
C LYS A 65 -8.41 43.78 2.28
N GLY A 66 -9.50 44.38 1.84
CA GLY A 66 -9.47 45.64 1.14
C GLY A 66 -9.52 45.40 -0.36
N ARG A 67 -9.01 44.25 -0.80
CA ARG A 67 -8.81 44.04 -2.22
C ARG A 67 -9.86 43.14 -2.85
N PHE A 68 -10.55 42.35 -2.03
CA PHE A 68 -11.51 41.36 -2.53
C PHE A 68 -12.90 41.71 -2.06
N THR A 69 -13.86 41.60 -2.97
CA THR A 69 -15.25 41.79 -2.62
C THR A 69 -16.09 40.59 -2.97
N ILE A 70 -16.65 39.95 -1.95
CA ILE A 70 -17.52 38.81 -2.19
C ILE A 70 -18.94 39.33 -2.32
N SER A 71 -19.74 38.68 -3.14
CA SER A 71 -21.13 39.04 -3.26
C SER A 71 -21.91 37.86 -3.78
N ARG A 72 -23.22 37.98 -3.74
CA ARG A 72 -24.09 36.83 -3.81
C ARG A 72 -25.34 37.24 -4.54
N ASP A 73 -25.89 36.33 -5.35
CA ASP A 73 -27.17 36.64 -6.01
C ASP A 73 -28.15 35.48 -5.92
N ASN A 74 -28.88 35.40 -4.81
CA ASN A 74 -29.78 34.29 -4.54
C ASN A 74 -30.78 34.02 -5.67
N ALA A 75 -31.38 35.07 -6.20
CA ALA A 75 -32.29 34.92 -7.34
C ALA A 75 -31.65 34.09 -8.46
N GLU A 76 -30.41 34.42 -8.81
CA GLU A 76 -29.68 33.71 -9.87
C GLU A 76 -28.90 32.51 -9.36
N ASN A 77 -29.04 32.20 -8.08
CA ASN A 77 -28.26 31.14 -7.47
C ASN A 77 -26.78 31.24 -7.85
N SER A 78 -26.22 32.41 -7.61
CA SER A 78 -24.84 32.69 -7.98
C SER A 78 -24.03 33.35 -6.88
N LEU A 79 -22.73 33.12 -6.93
CA LEU A 79 -21.79 33.69 -5.98
C LEU A 79 -20.64 34.34 -6.74
N TYR A 80 -20.18 35.50 -6.29
CA TYR A 80 -19.09 36.19 -6.96
C TYR A 80 -17.92 36.56 -6.05
N LEU A 81 -16.74 36.61 -6.63
CA LEU A 81 -15.58 37.18 -5.96
C LEU A 81 -14.92 38.16 -6.90
N GLN A 82 -14.95 39.44 -6.54
CA GLN A 82 -14.27 40.48 -7.30
C GLN A 82 -12.91 40.75 -6.69
N MET A 83 -11.86 40.44 -7.44
CA MET A 83 -10.49 40.53 -6.94
C MET A 83 -9.75 41.70 -7.60
N ASN A 84 -9.34 42.68 -6.80
CA ASN A 84 -8.61 43.84 -7.32
C ASN A 84 -7.17 43.86 -6.83
N SER A 85 -6.31 44.63 -7.52
CA SER A 85 -4.97 44.86 -7.01
C SER A 85 -4.31 43.52 -6.68
N LEU A 86 -4.27 42.61 -7.66
CA LEU A 86 -3.83 41.25 -7.40
C LEU A 86 -2.32 41.18 -7.28
N ARG A 87 -1.83 40.27 -6.44
CA ARG A 87 -0.40 40.10 -6.23
C ARG A 87 0.07 38.67 -6.51
N ALA A 88 1.38 38.53 -6.74
CA ALA A 88 1.95 37.21 -6.97
C ALA A 88 1.42 36.17 -5.97
N GLU A 89 1.28 36.59 -4.72
CA GLU A 89 0.88 35.69 -3.64
C GLU A 89 -0.58 35.23 -3.71
N ASP A 90 -1.37 35.88 -4.57
CA ASP A 90 -2.77 35.50 -4.76
C ASP A 90 -2.90 34.41 -5.82
N THR A 91 -1.77 34.00 -6.41
CA THR A 91 -1.77 32.93 -7.40
C THR A 91 -2.20 31.63 -6.73
N ALA A 92 -3.29 31.04 -7.24
CA ALA A 92 -3.80 29.80 -6.66
C ALA A 92 -5.02 29.27 -7.41
N VAL A 93 -5.48 28.08 -7.00
CA VAL A 93 -6.80 27.57 -7.39
C VAL A 93 -7.83 28.08 -6.37
N TYR A 94 -8.87 28.75 -6.84
CA TYR A 94 -9.97 29.24 -6.00
C TYR A 94 -11.21 28.36 -6.14
N TYR A 95 -11.72 27.90 -5.01
CA TYR A 95 -12.90 27.05 -4.99
C TYR A 95 -14.05 27.83 -4.38
N CYS A 96 -15.25 27.73 -4.94
CA CYS A 96 -16.37 28.19 -4.14
C CYS A 96 -16.91 27.00 -3.38
N VAL A 97 -17.39 27.25 -2.17
CA VAL A 97 -17.80 26.15 -1.34
C VAL A 97 -19.06 26.50 -0.57
N ARG A 98 -19.90 25.51 -0.38
CA ARG A 98 -21.10 25.67 0.41
C ARG A 98 -20.81 25.26 1.83
N GLU A 99 -21.28 26.07 2.77
CA GLU A 99 -21.17 25.73 4.17
C GLU A 99 -22.41 24.92 4.53
N GLY A 100 -22.25 23.93 5.39
CA GLY A 100 -23.35 23.08 5.81
C GLY A 100 -24.52 23.85 6.37
N PRO A 101 -25.70 23.19 6.43
CA PRO A 101 -26.96 23.84 6.77
C PRO A 101 -27.05 24.40 8.22
N ARG A 102 -26.23 23.94 9.15
CA ARG A 102 -26.27 24.49 10.52
C ARG A 102 -25.62 25.88 10.63
N ALA A 103 -25.15 26.42 9.51
CA ALA A 103 -24.50 27.72 9.51
C ALA A 103 -25.45 28.83 9.06
N THR A 104 -25.66 29.79 9.95
CA THR A 104 -26.66 30.82 9.74
C THR A 104 -26.06 32.16 10.12
N GLY A 105 -26.42 33.21 9.38
CA GLY A 105 -26.02 34.55 9.72
C GLY A 105 -24.68 34.65 10.45
N TYR A 106 -24.73 34.74 11.77
CA TYR A 106 -23.51 34.92 12.56
C TYR A 106 -23.30 33.82 13.60
N SER A 107 -23.89 32.65 13.36
CA SER A 107 -23.77 31.51 14.26
C SER A 107 -22.46 30.74 14.12
N MET A 108 -22.29 29.71 14.95
CA MET A 108 -21.20 28.76 14.80
C MET A 108 -21.20 28.23 13.38
N ALA A 109 -20.02 27.95 12.86
CA ALA A 109 -19.87 27.51 11.48
C ALA A 109 -20.22 26.02 11.27
N ASP A 110 -20.37 25.62 10.02
CA ASP A 110 -20.57 24.22 9.63
C ASP A 110 -19.45 23.82 8.65
N VAL A 111 -19.45 22.56 8.22
CA VAL A 111 -18.42 22.03 7.32
C VAL A 111 -18.58 22.47 5.87
N PHE A 112 -17.46 22.58 5.16
CA PHE A 112 -17.47 22.87 3.74
C PHE A 112 -17.87 21.61 3.00
N ASP A 113 -19.14 21.45 2.70
CA ASP A 113 -19.67 20.17 2.27
C ASP A 113 -19.87 20.07 0.77
N ILE A 114 -19.76 21.18 0.06
CA ILE A 114 -19.82 21.13 -1.39
C ILE A 114 -18.86 22.12 -2.05
N TRP A 115 -18.03 21.57 -2.93
CA TRP A 115 -16.91 22.29 -3.51
C TRP A 115 -17.05 22.36 -5.03
N GLY A 116 -16.76 23.51 -5.62
CA GLY A 116 -16.65 23.64 -7.05
C GLY A 116 -15.37 22.97 -7.57
N GLN A 117 -15.24 22.86 -8.89
CA GLN A 117 -14.08 22.19 -9.48
C GLN A 117 -12.84 23.04 -9.30
N GLY A 118 -13.03 24.31 -8.95
CA GLY A 118 -11.91 25.23 -8.78
C GLY A 118 -11.54 25.96 -10.06
N THR A 119 -11.03 27.18 -9.89
CA THR A 119 -10.57 28.02 -11.00
C THR A 119 -9.14 28.49 -10.70
N MET A 120 -8.20 28.25 -11.62
CA MET A 120 -6.83 28.69 -11.39
C MET A 120 -6.65 30.17 -11.69
N VAL A 121 -5.92 30.85 -10.82
CA VAL A 121 -5.63 32.26 -11.03
C VAL A 121 -4.13 32.53 -10.95
N THR A 122 -3.57 33.07 -12.02
CA THR A 122 -2.15 33.30 -12.07
C THR A 122 -1.87 34.77 -12.20
N VAL A 123 -1.22 35.33 -11.18
CA VAL A 123 -0.83 36.73 -11.19
C VAL A 123 0.63 36.86 -11.62
N SER A 124 0.84 37.33 -12.84
CA SER A 124 2.18 37.37 -13.43
C SER A 124 2.37 38.54 -14.41
N SER A 125 3.60 39.07 -14.45
CA SER A 125 3.95 40.10 -15.41
C SER A 125 4.13 39.58 -16.85
N ALA A 126 4.28 38.26 -17.01
CA ALA A 126 4.59 37.67 -18.29
C ALA A 126 3.36 37.42 -19.16
N SER A 127 3.47 37.63 -20.45
CA SER A 127 2.34 37.39 -21.33
C SER A 127 2.17 35.90 -21.52
N THR A 128 0.97 35.51 -21.91
CA THR A 128 0.67 34.10 -22.02
C THR A 128 1.35 33.56 -23.26
N LYS A 129 1.74 32.29 -23.22
CA LYS A 129 2.31 31.63 -24.39
C LYS A 129 1.66 30.27 -24.54
N GLY A 130 1.10 30.00 -25.72
CA GLY A 130 0.46 28.72 -25.97
C GLY A 130 1.47 27.62 -26.23
N PRO A 131 1.09 26.37 -25.91
CA PRO A 131 2.03 25.25 -26.01
C PRO A 131 2.23 24.86 -27.46
N SER A 132 3.34 24.19 -27.74
CA SER A 132 3.46 23.47 -29.00
C SER A 132 3.18 22.02 -28.67
N VAL A 133 2.35 21.39 -29.46
CA VAL A 133 2.00 20.01 -29.20
C VAL A 133 2.69 19.10 -30.21
N PHE A 134 3.61 18.27 -29.74
CA PHE A 134 4.30 17.33 -30.60
C PHE A 134 3.92 15.89 -30.30
N PRO A 135 3.85 15.06 -31.33
CA PRO A 135 3.46 13.67 -31.11
C PRO A 135 4.60 12.87 -30.47
N LEU A 136 4.24 11.86 -29.70
CA LEU A 136 5.18 10.85 -29.26
C LEU A 136 4.78 9.55 -29.95
N ALA A 137 5.35 9.33 -31.13
CA ALA A 137 4.91 8.23 -31.98
C ALA A 137 5.26 6.85 -31.41
N PRO A 138 4.25 5.98 -31.30
CA PRO A 138 4.45 4.59 -30.91
C PRO A 138 5.37 3.94 -31.95
N SER A 139 6.27 3.08 -31.50
CA SER A 139 7.21 2.42 -32.40
C SER A 139 7.64 1.12 -31.77
N SER A 140 8.55 0.41 -32.41
CA SER A 140 9.05 -0.84 -31.82
C SER A 140 9.81 -0.50 -30.55
N LYS A 141 10.15 0.78 -30.38
CA LYS A 141 10.90 1.22 -29.22
C LYS A 141 10.02 1.78 -28.10
N SER A 142 8.71 1.75 -28.33
CA SER A 142 7.73 2.09 -27.30
C SER A 142 6.77 0.92 -27.10
N THR A 143 7.28 -0.27 -27.40
CA THR A 143 6.46 -1.47 -27.34
C THR A 143 7.10 -2.47 -26.40
N SER A 144 6.29 -3.06 -25.54
CA SER A 144 6.76 -4.15 -24.67
C SER A 144 5.67 -5.22 -24.65
N GLY A 145 6.07 -6.44 -24.99
CA GLY A 145 5.09 -7.51 -25.12
C GLY A 145 3.98 -7.05 -26.05
N GLY A 146 2.74 -7.15 -25.58
CA GLY A 146 1.60 -6.80 -26.41
C GLY A 146 1.17 -5.34 -26.39
N THR A 147 1.74 -4.54 -25.51
CA THR A 147 1.30 -3.15 -25.35
C THR A 147 2.32 -2.11 -25.84
N ALA A 148 1.81 -1.04 -26.46
CA ALA A 148 2.65 0.02 -26.98
C ALA A 148 2.30 1.32 -26.30
N ALA A 149 3.33 2.15 -26.08
CA ALA A 149 3.13 3.46 -25.50
C ALA A 149 3.19 4.55 -26.57
N LEU A 150 2.22 5.45 -26.54
CA LEU A 150 2.23 6.64 -27.39
C LEU A 150 1.83 7.83 -26.53
N GLY A 151 1.98 9.04 -27.05
CA GLY A 151 1.54 10.19 -26.29
C GLY A 151 1.84 11.52 -26.96
N CYS A 152 1.62 12.60 -26.21
CA CYS A 152 1.89 13.94 -26.69
C CYS A 152 2.83 14.70 -25.77
N LEU A 153 3.75 15.42 -26.38
CA LEU A 153 4.59 16.36 -25.64
C LEU A 153 3.98 17.74 -25.84
N VAL A 154 3.60 18.37 -24.73
CA VAL A 154 2.98 19.69 -24.75
C VAL A 154 4.01 20.70 -24.24
N LYS A 155 4.66 21.40 -25.16
CA LYS A 155 5.88 22.11 -24.82
C LYS A 155 5.80 23.65 -24.84
N ASP A 156 6.45 24.25 -23.84
CA ASP A 156 6.66 25.69 -23.76
C ASP A 156 5.39 26.53 -23.71
N TYR A 157 4.68 26.42 -22.59
CA TYR A 157 3.48 27.20 -22.39
C TYR A 157 3.49 27.92 -21.05
N PHE A 158 2.68 28.97 -20.95
CA PHE A 158 2.56 29.73 -19.73
C PHE A 158 1.24 30.49 -19.75
N PRO A 159 0.49 30.48 -18.63
CA PRO A 159 0.83 29.79 -17.39
C PRO A 159 0.14 28.44 -17.39
N GLU A 160 0.08 27.80 -16.23
CA GLU A 160 -0.76 26.64 -16.01
C GLU A 160 -2.23 27.06 -15.97
N PRO A 161 -3.16 26.12 -16.19
CA PRO A 161 -2.94 24.71 -16.48
C PRO A 161 -3.14 24.44 -17.97
N VAL A 162 -2.84 23.22 -18.36
CA VAL A 162 -3.16 22.73 -19.69
C VAL A 162 -3.93 21.45 -19.45
N THR A 163 -5.01 21.23 -20.20
CA THR A 163 -5.71 19.96 -20.04
C THR A 163 -5.47 19.06 -21.25
N VAL A 164 -5.36 17.77 -20.98
CA VAL A 164 -5.14 16.79 -22.02
C VAL A 164 -6.13 15.65 -21.92
N SER A 165 -6.87 15.42 -22.99
CA SER A 165 -7.72 14.26 -23.05
C SER A 165 -7.34 13.45 -24.28
N TRP A 166 -7.74 12.18 -24.28
CA TRP A 166 -7.47 11.31 -25.41
C TRP A 166 -8.76 10.87 -26.07
N ASN A 167 -8.79 11.02 -27.40
CA ASN A 167 -9.98 10.72 -28.19
C ASN A 167 -11.23 11.29 -27.55
N SER A 168 -11.18 12.60 -27.32
CA SER A 168 -12.31 13.38 -26.83
C SER A 168 -12.95 12.77 -25.60
N GLY A 169 -12.13 12.24 -24.70
CA GLY A 169 -12.63 11.64 -23.50
C GLY A 169 -12.84 10.14 -23.58
N ALA A 170 -12.97 9.60 -24.78
CA ALA A 170 -13.26 8.16 -24.91
C ALA A 170 -12.19 7.28 -24.28
N LEU A 171 -10.93 7.62 -24.52
CA LEU A 171 -9.81 6.83 -24.05
C LEU A 171 -9.27 7.38 -22.74
N THR A 172 -9.35 6.56 -21.69
CA THR A 172 -8.92 6.99 -20.35
C THR A 172 -8.04 5.97 -19.66
N SER A 173 -8.20 4.70 -20.03
CA SER A 173 -7.44 3.65 -19.39
C SER A 173 -6.03 3.61 -19.94
N GLY A 174 -5.07 3.49 -19.04
CA GLY A 174 -3.67 3.44 -19.44
C GLY A 174 -3.06 4.81 -19.57
N VAL A 175 -3.91 5.84 -19.48
CA VAL A 175 -3.48 7.23 -19.61
C VAL A 175 -2.69 7.70 -18.40
N HIS A 176 -1.51 8.23 -18.66
CA HIS A 176 -0.72 8.91 -17.64
C HIS A 176 -0.38 10.29 -18.12
N THR A 177 -1.00 11.30 -17.52
CA THR A 177 -0.69 12.68 -17.86
C THR A 177 0.20 13.25 -16.77
N PHE A 178 1.41 13.66 -17.13
CA PHE A 178 2.37 14.06 -16.10
C PHE A 178 2.20 15.49 -15.63
N PRO A 179 2.64 15.77 -14.40
CA PRO A 179 2.63 17.12 -13.84
C PRO A 179 3.56 17.98 -14.65
N ALA A 180 3.17 19.23 -14.94
CA ALA A 180 4.05 20.10 -15.70
C ALA A 180 5.36 20.24 -14.96
N VAL A 181 6.45 20.34 -15.70
CA VAL A 181 7.73 20.75 -15.13
C VAL A 181 8.12 22.09 -15.70
N LEU A 182 8.80 22.88 -14.89
CA LEU A 182 9.25 24.17 -15.29
C LEU A 182 10.60 24.01 -15.98
N GLN A 183 10.73 24.60 -17.16
CA GLN A 183 11.98 24.53 -17.89
C GLN A 183 12.90 25.69 -17.51
N SER A 184 14.04 25.83 -18.17
CA SER A 184 14.97 26.89 -17.82
C SER A 184 14.48 28.22 -18.35
N SER A 185 13.76 28.14 -19.45
CA SER A 185 13.17 29.31 -20.08
C SER A 185 12.10 29.96 -19.19
N GLY A 186 11.71 29.25 -18.14
CA GLY A 186 10.67 29.73 -17.24
C GLY A 186 9.30 29.39 -17.77
N LEU A 187 9.26 28.62 -18.85
CA LEU A 187 8.01 28.14 -19.42
C LEU A 187 7.72 26.73 -18.91
N TYR A 188 6.46 26.32 -18.98
CA TYR A 188 6.09 24.96 -18.60
C TYR A 188 6.08 23.97 -19.76
N SER A 189 6.34 22.72 -19.42
CA SER A 189 6.26 21.62 -20.37
C SER A 189 5.61 20.44 -19.65
N LEU A 190 4.86 19.64 -20.39
CA LEU A 190 4.11 18.55 -19.80
C LEU A 190 3.90 17.50 -20.87
N SER A 191 3.87 16.24 -20.48
CA SER A 191 3.61 15.21 -21.47
C SER A 191 2.56 14.23 -20.99
N SER A 192 1.77 13.74 -21.94
CA SER A 192 0.72 12.78 -21.65
C SER A 192 0.94 11.51 -22.46
N VAL A 193 0.94 10.37 -21.77
CA VAL A 193 1.09 9.11 -22.47
C VAL A 193 -0.06 8.15 -22.21
N VAL A 194 -0.29 7.27 -23.18
CA VAL A 194 -1.24 6.21 -23.00
C VAL A 194 -0.58 4.89 -23.41
N THR A 195 -1.00 3.79 -22.80
CA THR A 195 -0.52 2.49 -23.24
C THR A 195 -1.71 1.75 -23.80
N VAL A 196 -1.51 1.14 -24.96
CA VAL A 196 -2.58 0.50 -25.70
C VAL A 196 -2.07 -0.79 -26.30
N PRO A 197 -2.98 -1.69 -26.68
CA PRO A 197 -2.60 -2.94 -27.34
C PRO A 197 -1.88 -2.68 -28.67
N SER A 198 -0.69 -3.25 -28.84
CA SER A 198 0.03 -3.17 -30.11
C SER A 198 -0.91 -3.51 -31.25
N SER A 199 -1.71 -4.54 -31.06
CA SER A 199 -2.62 -5.03 -32.09
C SER A 199 -3.44 -3.91 -32.72
N SER A 200 -3.82 -2.94 -31.90
CA SER A 200 -4.75 -1.89 -32.31
C SER A 200 -4.08 -0.71 -33.03
N LEU A 201 -2.74 -0.70 -33.05
CA LEU A 201 -2.03 0.47 -33.56
C LEU A 201 -2.41 0.86 -34.97
N GLY A 202 -2.61 -0.11 -35.84
CA GLY A 202 -2.90 0.17 -37.23
C GLY A 202 -4.35 0.58 -37.46
N THR A 203 -5.23 0.10 -36.61
CA THR A 203 -6.66 0.25 -36.84
C THR A 203 -7.29 1.35 -36.00
N GLN A 204 -6.84 1.50 -34.76
CA GLN A 204 -7.39 2.52 -33.87
C GLN A 204 -6.70 3.87 -34.02
N THR A 205 -7.51 4.91 -34.23
CA THR A 205 -7.00 6.28 -34.33
C THR A 205 -6.73 6.87 -32.93
N TYR A 206 -5.56 7.47 -32.74
CA TYR A 206 -5.25 8.07 -31.43
C TYR A 206 -4.97 9.58 -31.48
N ILE A 207 -5.83 10.34 -30.83
CA ILE A 207 -5.70 11.79 -30.81
C ILE A 207 -5.64 12.32 -29.39
N CYS A 208 -4.73 13.25 -29.14
CA CYS A 208 -4.76 13.98 -27.88
C CYS A 208 -5.35 15.37 -28.08
N ASN A 209 -6.20 15.75 -27.13
CA ASN A 209 -6.88 17.02 -27.16
C ASN A 209 -6.26 17.93 -26.12
N VAL A 210 -5.46 18.89 -26.59
CA VAL A 210 -4.85 19.84 -25.68
C VAL A 210 -5.62 21.16 -25.60
N ASN A 211 -5.97 21.55 -24.39
CA ASN A 211 -6.59 22.84 -24.20
C ASN A 211 -5.76 23.70 -23.28
N HIS A 212 -5.46 24.91 -23.73
CA HIS A 212 -4.79 25.90 -22.91
C HIS A 212 -5.65 27.14 -22.97
N LYS A 213 -6.57 27.27 -22.01
CA LYS A 213 -7.53 28.37 -22.01
C LYS A 213 -6.88 29.76 -22.09
N PRO A 214 -5.87 30.01 -21.24
CA PRO A 214 -5.23 31.33 -21.14
C PRO A 214 -4.76 31.91 -22.46
N SER A 215 -4.37 31.07 -23.42
CA SER A 215 -3.88 31.56 -24.70
C SER A 215 -4.84 31.22 -25.81
N ASN A 216 -6.00 30.68 -25.44
CA ASN A 216 -6.97 30.22 -26.42
C ASN A 216 -6.39 29.23 -27.42
N THR A 217 -5.70 28.24 -26.90
CA THR A 217 -5.13 27.20 -27.73
C THR A 217 -5.90 25.91 -27.50
N LYS A 218 -6.54 25.44 -28.55
CA LYS A 218 -7.22 24.18 -28.54
C LYS A 218 -6.59 23.40 -29.68
N VAL A 219 -5.81 22.38 -29.35
CA VAL A 219 -5.12 21.61 -30.37
C VAL A 219 -5.53 20.15 -30.31
N ASP A 220 -5.71 19.55 -31.47
CA ASP A 220 -6.07 18.14 -31.54
C ASP A 220 -5.07 17.39 -32.39
N LYS A 221 -4.02 16.86 -31.77
CA LYS A 221 -2.98 16.17 -32.53
C LYS A 221 -3.29 14.68 -32.64
N LYS A 222 -3.24 14.19 -33.88
CA LYS A 222 -3.37 12.77 -34.18
C LYS A 222 -1.98 12.15 -34.12
N VAL A 223 -1.87 11.03 -33.41
CA VAL A 223 -0.58 10.39 -33.24
C VAL A 223 -0.45 9.14 -34.13
N GLU A 224 0.57 9.13 -34.98
CA GLU A 224 0.75 8.05 -35.95
C GLU A 224 1.94 7.17 -35.64
N PRO A 225 1.76 5.85 -35.79
CA PRO A 225 2.67 4.74 -35.51
C PRO A 225 3.97 4.73 -36.33
N LYS A 226 4.82 3.73 -36.08
CA LYS A 226 6.21 3.67 -36.55
C LYS A 226 6.85 5.04 -36.38
N GLU B 1 -5.77 33.03 16.30
CA GLU B 1 -6.01 32.16 15.16
C GLU B 1 -5.64 30.73 15.52
N LEU B 2 -6.57 29.81 15.34
CA LEU B 2 -6.26 28.40 15.61
C LEU B 2 -5.27 27.82 14.63
N VAL B 3 -4.26 27.18 15.16
CA VAL B 3 -3.29 26.50 14.32
C VAL B 3 -3.46 24.99 14.40
N MET B 4 -3.61 24.38 13.24
CA MET B 4 -3.84 22.95 13.13
C MET B 4 -2.55 22.30 12.67
N THR B 5 -2.14 21.26 13.38
CA THR B 5 -0.87 20.62 13.14
C THR B 5 -1.08 19.14 12.87
N GLN B 6 -0.79 18.70 11.65
CA GLN B 6 -0.96 17.28 11.35
C GLN B 6 0.34 16.50 11.41
N SER B 7 0.19 15.20 11.59
CA SER B 7 1.28 14.32 11.92
C SER B 7 0.81 12.92 11.59
N PRO B 8 1.61 12.20 10.80
CA PRO B 8 2.84 12.70 10.19
C PRO B 8 2.57 13.48 8.90
N ASP B 9 3.63 13.99 8.29
CA ASP B 9 3.49 14.69 7.02
C ASP B 9 3.14 13.69 5.95
N SER B 10 3.67 12.49 6.10
CA SER B 10 3.54 11.48 5.10
C SER B 10 3.44 10.11 5.76
N LEU B 11 2.66 9.24 5.13
CA LEU B 11 2.39 7.93 5.66
C LEU B 11 2.29 6.94 4.50
N ALA B 12 2.87 5.76 4.68
CA ALA B 12 2.79 4.69 3.69
C ALA B 12 2.37 3.41 4.39
N VAL B 13 1.34 2.78 3.85
CA VAL B 13 0.72 1.64 4.51
C VAL B 13 0.44 0.52 3.51
N SER B 14 0.61 -0.73 3.93
CA SER B 14 0.34 -1.84 3.03
C SER B 14 -1.15 -1.91 2.73
N LEU B 15 -1.50 -2.41 1.56
CA LEU B 15 -2.90 -2.48 1.19
C LEU B 15 -3.67 -3.25 2.27
N GLY B 16 -4.91 -2.85 2.53
CA GLY B 16 -5.75 -3.53 3.50
C GLY B 16 -5.35 -3.35 4.96
N GLU B 17 -4.18 -2.77 5.21
CA GLU B 17 -3.74 -2.48 6.58
C GLU B 17 -4.32 -1.17 7.08
N ARG B 18 -3.90 -0.76 8.28
CA ARG B 18 -4.54 0.35 8.98
C ARG B 18 -3.73 1.63 8.93
N ALA B 19 -4.37 2.71 8.51
CA ALA B 19 -3.71 4.00 8.41
C ALA B 19 -4.33 4.95 9.43
N THR B 20 -3.50 5.53 10.29
CA THR B 20 -3.97 6.54 11.26
C THR B 20 -3.20 7.86 11.12
N ILE B 21 -3.96 8.95 11.05
CA ILE B 21 -3.43 10.30 10.94
C ILE B 21 -3.84 11.12 12.14
N ASN B 22 -2.99 12.06 12.54
CA ASN B 22 -3.28 12.88 13.70
C ASN B 22 -3.48 14.36 13.40
N CYS B 23 -4.31 15.00 14.23
CA CYS B 23 -4.56 16.44 14.18
C CYS B 23 -4.51 17.02 15.59
N LYS B 24 -3.65 18.00 15.80
CA LYS B 24 -3.58 18.67 17.08
C LYS B 24 -3.82 20.17 16.86
N SER B 25 -4.81 20.72 17.53
CA SER B 25 -5.09 22.16 17.42
C SER B 25 -4.53 22.97 18.59
N SER B 26 -4.14 24.21 18.30
CA SER B 26 -3.53 25.05 19.31
C SER B 26 -4.48 25.33 20.48
N GLN B 27 -5.78 25.28 20.22
CA GLN B 27 -6.79 25.39 21.28
C GLN B 27 -7.87 24.34 21.12
N SER B 28 -8.67 24.16 22.16
CA SER B 28 -9.74 23.17 22.15
C SER B 28 -10.86 23.58 21.22
N VAL B 29 -11.40 22.62 20.46
CA VAL B 29 -12.51 22.95 19.58
C VAL B 29 -13.79 22.33 20.10
N LEU B 30 -13.75 21.91 21.35
CA LEU B 30 -14.89 21.33 22.02
C LEU B 30 -15.80 22.43 22.53
N TYR B 31 -17.01 22.48 21.99
CA TYR B 31 -18.03 23.47 22.33
C TYR B 31 -18.95 22.96 23.45
N SER B 32 -18.85 23.52 24.66
CA SER B 32 -19.82 23.17 25.72
C SER B 32 -21.20 23.47 25.17
N SER B 33 -22.20 22.70 25.56
CA SER B 33 -23.50 22.78 24.91
C SER B 33 -23.37 22.17 23.53
N ASN B 34 -24.25 21.24 23.21
CA ASN B 34 -24.03 20.26 22.15
C ASN B 34 -22.79 19.36 22.36
N ASN B 35 -21.86 19.79 23.21
CA ASN B 35 -20.63 19.04 23.50
C ASN B 35 -19.90 18.44 22.28
N LYS B 36 -20.12 19.00 21.10
CA LYS B 36 -19.48 18.55 19.87
C LYS B 36 -18.10 19.20 19.69
N SER B 37 -17.16 18.49 19.08
CA SER B 37 -15.90 19.10 18.70
C SER B 37 -16.01 19.57 17.24
N TYR B 38 -15.76 20.85 17.01
CA TYR B 38 -15.94 21.39 15.67
C TYR B 38 -14.73 21.12 14.78
N LEU B 39 -14.56 19.85 14.43
CA LEU B 39 -13.44 19.41 13.63
C LEU B 39 -13.90 18.51 12.50
N ALA B 40 -13.31 18.71 11.32
CA ALA B 40 -13.68 17.94 10.12
C ALA B 40 -12.47 17.39 9.41
N TRP B 41 -12.67 16.31 8.66
CA TRP B 41 -11.61 15.76 7.82
C TRP B 41 -11.99 15.79 6.35
N TYR B 42 -11.05 16.17 5.50
CA TYR B 42 -11.29 16.13 4.06
C TYR B 42 -10.27 15.26 3.37
N GLN B 43 -10.68 14.73 2.22
CA GLN B 43 -9.81 13.96 1.36
C GLN B 43 -9.51 14.70 0.06
N GLN B 44 -8.26 14.86 -0.30
CA GLN B 44 -7.97 15.45 -1.60
C GLN B 44 -7.10 14.58 -2.50
N LYS B 45 -7.69 14.19 -3.62
CA LYS B 45 -7.02 13.39 -4.62
C LYS B 45 -6.51 14.28 -5.73
N PRO B 46 -5.33 13.95 -6.26
CA PRO B 46 -4.68 14.80 -7.28
C PRO B 46 -5.67 15.42 -8.27
N GLY B 47 -5.63 16.74 -8.39
CA GLY B 47 -6.43 17.43 -9.38
C GLY B 47 -7.92 17.46 -9.07
N GLN B 48 -8.26 17.37 -7.79
CA GLN B 48 -9.66 17.42 -7.41
C GLN B 48 -9.81 18.33 -6.20
N PRO B 49 -11.00 18.86 -5.99
CA PRO B 49 -11.33 19.60 -4.77
C PRO B 49 -11.39 18.65 -3.59
N PRO B 50 -11.17 19.16 -2.39
CA PRO B 50 -11.26 18.31 -1.20
C PRO B 50 -12.67 17.73 -1.12
N LYS B 51 -12.77 16.49 -0.64
CA LYS B 51 -14.07 15.88 -0.39
C LYS B 51 -14.25 15.74 1.13
N LEU B 52 -15.44 16.09 1.63
CA LEU B 52 -15.73 15.95 3.05
C LEU B 52 -15.90 14.48 3.43
N LEU B 53 -15.24 14.07 4.51
CA LEU B 53 -15.33 12.69 5.02
C LEU B 53 -16.04 12.66 6.37
N ILE B 54 -15.53 13.44 7.30
CA ILE B 54 -15.98 13.42 8.69
C ILE B 54 -16.31 14.83 9.16
N TYR B 55 -17.39 14.96 9.94
CA TYR B 55 -17.64 16.22 10.61
C TYR B 55 -17.89 16.00 12.10
N TRP B 56 -17.74 17.07 12.88
CA TRP B 56 -17.84 16.96 14.33
C TRP B 56 -16.97 15.83 14.83
N ALA B 57 -15.77 15.74 14.24
CA ALA B 57 -14.72 14.86 14.74
C ALA B 57 -14.93 13.38 14.42
N SER B 58 -16.18 12.93 14.47
CA SER B 58 -16.42 11.49 14.38
C SER B 58 -17.65 11.03 13.57
N THR B 59 -18.39 11.93 12.96
CA THR B 59 -19.53 11.50 12.14
C THR B 59 -19.15 11.37 10.67
N ARG B 60 -19.40 10.20 10.07
CA ARG B 60 -19.17 10.01 8.63
C ARG B 60 -20.20 10.79 7.80
N GLU B 61 -19.72 11.48 6.77
CA GLU B 61 -20.63 12.04 5.78
C GLU B 61 -21.42 10.95 5.06
N SER B 62 -22.61 11.32 4.61
CA SER B 62 -23.42 10.44 3.80
C SER B 62 -22.60 9.88 2.62
N GLY B 63 -22.48 8.56 2.54
CA GLY B 63 -21.86 7.95 1.38
C GLY B 63 -20.39 7.63 1.55
N VAL B 64 -19.81 8.04 2.66
CA VAL B 64 -18.43 7.71 2.95
C VAL B 64 -18.32 6.32 3.56
N PRO B 65 -17.56 5.42 2.91
CA PRO B 65 -17.42 4.01 3.32
C PRO B 65 -16.97 3.89 4.78
N ASP B 66 -17.48 2.89 5.49
CA ASP B 66 -17.32 2.85 6.94
C ASP B 66 -15.92 2.53 7.44
N ARG B 67 -15.00 2.28 6.51
CA ARG B 67 -13.60 2.04 6.89
C ARG B 67 -12.96 3.34 7.34
N PHE B 68 -13.62 4.45 7.02
CA PHE B 68 -13.19 5.77 7.44
C PHE B 68 -13.85 6.13 8.76
N SER B 69 -13.05 6.55 9.73
CA SER B 69 -13.62 6.95 11.00
C SER B 69 -12.71 7.91 11.76
N GLY B 70 -13.32 8.89 12.42
CA GLY B 70 -12.57 9.89 13.15
C GLY B 70 -12.85 9.77 14.63
N SER B 71 -11.83 9.99 15.43
CA SER B 71 -12.04 10.05 16.87
C SER B 71 -11.40 11.30 17.45
N GLY B 72 -11.67 11.51 18.74
CA GLY B 72 -10.98 12.52 19.50
C GLY B 72 -11.93 13.58 20.04
N SER B 73 -11.35 14.52 20.78
CA SER B 73 -12.13 15.55 21.44
C SER B 73 -11.20 16.65 21.91
N GLY B 74 -11.70 17.89 21.81
CA GLY B 74 -10.95 19.03 22.32
C GLY B 74 -9.76 19.39 21.46
N THR B 75 -8.59 18.85 21.78
CA THR B 75 -7.35 19.24 21.09
C THR B 75 -6.74 18.17 20.18
N ASP B 76 -6.90 16.90 20.53
CA ASP B 76 -6.28 15.82 19.78
C ASP B 76 -7.30 14.97 19.04
N PHE B 77 -7.03 14.72 17.76
CA PHE B 77 -7.93 13.94 16.95
C PHE B 77 -7.11 13.03 16.07
N THR B 78 -7.76 12.01 15.53
CA THR B 78 -7.11 11.15 14.58
C THR B 78 -8.13 10.73 13.54
N LEU B 79 -7.67 10.64 12.30
CA LEU B 79 -8.43 9.95 11.29
C LEU B 79 -7.84 8.54 11.15
N THR B 80 -8.68 7.51 11.13
CA THR B 80 -8.15 6.19 10.82
C THR B 80 -8.94 5.53 9.72
N ILE B 81 -8.20 4.91 8.81
CA ILE B 81 -8.77 4.12 7.74
C ILE B 81 -8.40 2.70 8.11
N SER B 82 -9.39 1.91 8.49
CA SER B 82 -9.11 0.59 9.04
C SER B 82 -8.45 -0.34 8.03
N SER B 83 -9.05 -0.48 6.84
CA SER B 83 -8.39 -1.24 5.79
C SER B 83 -8.17 -0.40 4.53
N LEU B 84 -6.94 0.05 4.36
CA LEU B 84 -6.57 0.90 3.25
C LEU B 84 -6.77 0.25 1.88
N GLN B 85 -7.40 0.99 0.96
CA GLN B 85 -7.58 0.53 -0.41
C GLN B 85 -6.73 1.37 -1.34
N ALA B 86 -6.41 0.78 -2.50
CA ALA B 86 -5.56 1.45 -3.49
C ALA B 86 -6.07 2.85 -3.82
N GLU B 87 -7.39 3.02 -3.81
CA GLU B 87 -8.03 4.27 -4.19
C GLU B 87 -8.12 5.25 -3.03
N ASP B 88 -7.60 4.87 -1.87
CA ASP B 88 -7.66 5.78 -0.75
C ASP B 88 -6.42 6.66 -0.67
N VAL B 89 -5.56 6.57 -1.67
CA VAL B 89 -4.35 7.38 -1.65
C VAL B 89 -4.72 8.80 -1.97
N ALA B 90 -4.33 9.71 -1.08
CA ALA B 90 -4.72 11.10 -1.23
C ALA B 90 -3.98 11.90 -0.20
N VAL B 91 -4.24 13.21 -0.21
CA VAL B 91 -3.80 14.04 0.89
C VAL B 91 -5.00 14.25 1.78
N TYR B 92 -4.81 14.06 3.08
CA TYR B 92 -5.90 14.21 4.04
C TYR B 92 -5.71 15.47 4.86
N TYR B 93 -6.78 16.26 4.96
CA TYR B 93 -6.75 17.55 5.66
C TYR B 93 -7.73 17.55 6.82
N CYS B 94 -7.27 17.93 7.99
CA CYS B 94 -8.20 18.26 9.06
C CYS B 94 -8.50 19.75 9.01
N GLN B 95 -9.66 20.16 9.50
CA GLN B 95 -9.98 21.58 9.54
C GLN B 95 -10.78 21.87 10.79
N GLN B 96 -10.46 22.94 11.49
CA GLN B 96 -11.29 23.36 12.61
C GLN B 96 -12.30 24.35 12.08
N TYR B 97 -13.58 24.14 12.39
CA TYR B 97 -14.58 25.13 12.04
C TYR B 97 -15.25 25.67 13.28
N TYR B 98 -14.41 25.92 14.29
CA TYR B 98 -14.84 26.32 15.63
C TYR B 98 -14.85 27.85 15.74
N SER B 99 -13.70 28.48 15.53
CA SER B 99 -13.64 29.93 15.55
C SER B 99 -13.01 30.49 14.28
N ALA B 100 -13.42 31.70 13.91
CA ALA B 100 -12.92 32.34 12.70
C ALA B 100 -11.58 33.03 12.93
N PRO B 101 -10.70 33.00 11.94
CA PRO B 101 -10.96 32.42 10.62
C PRO B 101 -10.80 30.91 10.61
N LEU B 102 -11.61 30.23 9.80
CA LEU B 102 -11.51 28.77 9.69
C LEU B 102 -10.15 28.42 9.13
N THR B 103 -9.53 27.39 9.67
CA THR B 103 -8.18 27.03 9.25
C THR B 103 -8.00 25.54 9.04
N PHE B 104 -7.03 25.19 8.21
CA PHE B 104 -6.78 23.81 7.80
C PHE B 104 -5.42 23.37 8.30
N GLY B 105 -5.27 22.08 8.58
CA GLY B 105 -3.98 21.52 8.87
C GLY B 105 -3.20 21.48 7.57
N GLY B 106 -1.91 21.22 7.65
CA GLY B 106 -1.08 21.26 6.47
C GLY B 106 -1.21 20.06 5.54
N GLY B 107 -2.09 19.13 5.90
CA GLY B 107 -2.31 17.94 5.11
C GLY B 107 -1.30 16.83 5.32
N THR B 108 -1.79 15.60 5.31
CA THR B 108 -0.97 14.40 5.40
C THR B 108 -1.12 13.56 4.13
N LYS B 109 0.00 13.15 3.53
CA LYS B 109 -0.07 12.37 2.30
C LYS B 109 -0.09 10.87 2.61
N VAL B 110 -1.17 10.21 2.20
CA VAL B 110 -1.30 8.78 2.44
C VAL B 110 -1.00 7.96 1.17
N GLU B 111 0.10 7.22 1.19
CA GLU B 111 0.48 6.36 0.07
C GLU B 111 0.35 4.88 0.42
N ILE B 112 0.38 4.03 -0.60
CA ILE B 112 0.36 2.58 -0.40
C ILE B 112 1.78 2.01 -0.40
N LYS B 113 1.99 0.96 0.40
CA LYS B 113 3.21 0.17 0.37
C LYS B 113 2.98 -1.12 -0.41
N ARG B 114 3.62 -1.20 -1.55
CA ARG B 114 3.51 -2.33 -2.46
C ARG B 114 4.81 -3.07 -2.39
N THR B 115 4.85 -4.24 -3.00
CA THR B 115 6.14 -4.85 -3.27
C THR B 115 6.80 -4.13 -4.42
N VAL B 116 8.12 -4.19 -4.45
CA VAL B 116 8.87 -3.61 -5.54
C VAL B 116 8.39 -4.11 -6.92
N ALA B 117 8.31 -3.19 -7.88
CA ALA B 117 7.92 -3.50 -9.25
C ALA B 117 8.81 -2.77 -10.25
N ALA B 118 9.34 -3.51 -11.22
CA ALA B 118 10.24 -2.95 -12.24
C ALA B 118 9.53 -2.10 -13.30
N PRO B 119 10.17 -1.01 -13.72
CA PRO B 119 9.59 -0.12 -14.73
C PRO B 119 9.72 -0.71 -16.12
N SER B 120 8.73 -0.46 -16.97
CA SER B 120 8.85 -0.68 -18.40
C SER B 120 9.46 0.59 -18.96
N VAL B 121 10.50 0.44 -19.78
CA VAL B 121 11.20 1.59 -20.30
C VAL B 121 11.02 1.80 -21.79
N PHE B 122 10.53 2.98 -22.17
CA PHE B 122 10.32 3.29 -23.57
C PHE B 122 11.06 4.56 -23.95
N ILE B 123 11.57 4.61 -25.19
CA ILE B 123 12.19 5.84 -25.65
C ILE B 123 11.52 6.38 -26.92
N PHE B 124 11.40 7.70 -27.01
CA PHE B 124 10.79 8.36 -28.17
C PHE B 124 11.70 9.42 -28.82
N PRO B 125 12.16 9.18 -30.05
CA PRO B 125 12.89 10.24 -30.73
C PRO B 125 12.01 11.44 -31.02
N PRO B 126 12.62 12.59 -31.28
CA PRO B 126 11.89 13.84 -31.56
C PRO B 126 11.02 13.71 -32.81
N SER B 127 9.92 14.44 -32.86
CA SER B 127 9.04 14.40 -34.02
C SER B 127 9.60 15.23 -35.18
N ASP B 128 9.17 14.91 -36.39
CA ASP B 128 9.56 15.71 -37.53
C ASP B 128 8.97 17.10 -37.33
N GLU B 129 7.73 17.17 -36.88
CA GLU B 129 7.08 18.45 -36.60
C GLU B 129 7.95 19.38 -35.73
N GLN B 130 8.60 18.84 -34.71
CA GLN B 130 9.40 19.66 -33.80
C GLN B 130 10.78 19.99 -34.34
N LEU B 131 11.37 19.03 -35.04
CA LEU B 131 12.67 19.26 -35.67
C LEU B 131 12.58 20.40 -36.69
N LYS B 132 11.44 20.50 -37.36
CA LYS B 132 11.23 21.53 -38.37
C LYS B 132 11.37 22.91 -37.76
N SER B 133 11.46 22.96 -36.43
CA SER B 133 11.54 24.25 -35.77
C SER B 133 12.75 24.40 -34.86
N GLY B 134 13.81 23.63 -35.12
CA GLY B 134 15.10 23.89 -34.50
C GLY B 134 15.33 23.26 -33.14
N THR B 135 14.31 22.60 -32.62
CA THR B 135 14.42 21.97 -31.32
C THR B 135 14.27 20.47 -31.42
N ALA B 136 14.93 19.77 -30.51
CA ALA B 136 14.87 18.33 -30.48
C ALA B 136 14.66 17.83 -29.06
N SER B 137 13.45 17.37 -28.76
CA SER B 137 13.17 16.73 -27.46
C SER B 137 13.19 15.22 -27.58
N VAL B 138 13.96 14.55 -26.72
CA VAL B 138 13.89 13.10 -26.66
C VAL B 138 13.22 12.67 -25.35
N VAL B 139 12.16 11.88 -25.45
CA VAL B 139 11.41 11.47 -24.26
C VAL B 139 11.65 10.01 -23.83
N CYS B 140 11.96 9.85 -22.55
CA CYS B 140 12.12 8.54 -21.95
C CYS B 140 11.00 8.32 -20.98
N LEU B 141 10.37 7.15 -21.07
CA LEU B 141 9.23 6.82 -20.22
C LEU B 141 9.49 5.58 -19.37
N LEU B 142 9.32 5.72 -18.06
CA LEU B 142 9.34 4.61 -17.13
C LEU B 142 7.91 4.37 -16.67
N ASN B 143 7.36 3.22 -17.03
CA ASN B 143 5.94 2.95 -16.81
C ASN B 143 5.69 1.96 -15.65
N ASN B 144 4.78 2.31 -14.76
CA ASN B 144 4.35 1.42 -13.69
C ASN B 144 5.45 0.74 -12.90
N PHE B 145 6.17 1.50 -12.10
CA PHE B 145 7.16 0.93 -11.20
C PHE B 145 6.87 1.26 -9.75
N TYR B 146 7.66 0.68 -8.85
CA TYR B 146 7.59 0.95 -7.41
C TYR B 146 8.86 0.44 -6.80
N PRO B 147 9.45 1.20 -5.88
CA PRO B 147 9.02 2.46 -5.28
C PRO B 147 9.17 3.66 -6.23
N ARG B 148 8.89 4.88 -5.75
CA ARG B 148 8.93 6.06 -6.58
C ARG B 148 10.34 6.34 -7.09
N GLU B 149 11.31 6.24 -6.19
CA GLU B 149 12.68 6.62 -6.52
C GLU B 149 13.30 5.78 -7.64
N ALA B 150 13.68 6.45 -8.72
CA ALA B 150 14.32 5.84 -9.88
C ALA B 150 15.33 6.84 -10.41
N LYS B 151 16.45 6.37 -10.93
CA LYS B 151 17.45 7.28 -11.50
C LYS B 151 17.48 7.22 -13.03
N VAL B 152 17.12 8.32 -13.67
CA VAL B 152 17.20 8.38 -15.12
C VAL B 152 18.37 9.21 -15.59
N GLN B 153 19.25 8.57 -16.36
CA GLN B 153 20.47 9.21 -16.83
C GLN B 153 20.55 9.13 -18.35
N TRP B 154 20.63 10.28 -19.01
CA TRP B 154 20.78 10.36 -20.46
C TRP B 154 22.24 10.33 -20.89
N LYS B 155 22.57 9.46 -21.83
CA LYS B 155 23.90 9.46 -22.43
C LYS B 155 23.83 9.64 -23.96
N VAL B 156 24.19 10.83 -24.43
CA VAL B 156 24.31 11.11 -25.86
C VAL B 156 25.67 10.63 -26.35
N ASP B 157 25.70 9.79 -27.37
CA ASP B 157 26.94 9.17 -27.83
C ASP B 157 27.81 8.75 -26.67
N ASN B 158 27.22 8.10 -25.68
CA ASN B 158 27.97 7.64 -24.51
C ASN B 158 28.39 8.76 -23.57
N ALA B 159 28.10 10.00 -23.95
CA ALA B 159 28.47 11.13 -23.10
C ALA B 159 27.38 11.40 -22.08
N LEU B 160 27.70 11.16 -20.82
CA LEU B 160 26.75 11.41 -19.74
C LEU B 160 26.28 12.87 -19.73
N GLN B 161 24.97 13.09 -19.91
CA GLN B 161 24.40 14.43 -20.00
C GLN B 161 24.08 15.02 -18.65
N SER B 162 23.78 16.31 -18.65
CA SER B 162 23.30 16.99 -17.45
C SER B 162 22.85 18.40 -17.81
N GLY B 163 22.02 19.00 -16.96
CA GLY B 163 21.56 20.36 -17.18
C GLY B 163 20.65 20.54 -18.39
N ASN B 164 20.41 19.47 -19.14
CA ASN B 164 19.58 19.56 -20.34
C ASN B 164 18.36 18.66 -20.29
N SER B 165 17.97 18.24 -19.09
CA SER B 165 16.81 17.36 -18.93
C SER B 165 15.90 17.74 -17.78
N GLN B 166 14.63 17.41 -17.93
CA GLN B 166 13.65 17.55 -16.86
C GLN B 166 12.97 16.19 -16.71
N GLU B 167 12.60 15.85 -15.49
CA GLU B 167 11.73 14.70 -15.28
C GLU B 167 10.49 15.04 -14.48
N SER B 168 9.50 14.16 -14.56
CA SER B 168 8.26 14.32 -13.83
C SER B 168 7.71 12.93 -13.48
N VAL B 169 7.15 12.81 -12.28
CA VAL B 169 6.62 11.56 -11.78
C VAL B 169 5.14 11.72 -11.50
N THR B 170 4.35 10.71 -11.85
CA THR B 170 2.92 10.77 -11.58
C THR B 170 2.62 10.61 -10.09
N GLU B 171 1.35 10.75 -9.72
CA GLU B 171 0.93 10.39 -8.39
C GLU B 171 0.64 8.89 -8.35
N GLN B 172 0.60 8.30 -7.17
CA GLN B 172 0.50 6.86 -7.07
C GLN B 172 -0.78 6.42 -7.74
N ASP B 173 -0.67 5.43 -8.62
CA ASP B 173 -1.80 4.93 -9.37
C ASP B 173 -2.86 4.42 -8.41
N SER B 174 -4.12 4.76 -8.65
CA SER B 174 -5.22 4.36 -7.77
C SER B 174 -5.71 2.93 -7.93
N LYS B 175 -5.12 2.16 -8.85
CA LYS B 175 -5.44 0.73 -8.94
C LYS B 175 -4.27 -0.17 -8.57
N ASP B 176 -3.15 -0.08 -9.29
CA ASP B 176 -2.01 -0.96 -9.05
C ASP B 176 -0.94 -0.34 -8.13
N SER B 177 -1.20 0.87 -7.64
CA SER B 177 -0.33 1.50 -6.67
C SER B 177 1.10 1.76 -7.16
N THR B 178 1.27 1.92 -8.47
CA THR B 178 2.60 2.19 -9.00
C THR B 178 2.78 3.65 -9.42
N TYR B 179 4.01 3.98 -9.84
CA TYR B 179 4.32 5.29 -10.36
C TYR B 179 4.80 5.18 -11.79
N SER B 180 4.78 6.31 -12.49
CA SER B 180 5.35 6.41 -13.84
C SER B 180 6.14 7.69 -13.90
N LEU B 181 7.15 7.69 -14.76
CA LEU B 181 8.09 8.79 -14.79
C LEU B 181 8.42 9.15 -16.22
N SER B 182 8.48 10.44 -16.48
CA SER B 182 8.74 10.92 -17.82
C SER B 182 9.94 11.85 -17.77
N SER B 183 10.99 11.51 -18.50
CA SER B 183 12.19 12.33 -18.58
C SER B 183 12.41 12.85 -19.99
N THR B 184 12.60 14.16 -20.12
CA THR B 184 12.75 14.80 -21.41
C THR B 184 14.13 15.41 -21.62
N LEU B 185 14.88 14.90 -22.60
CA LEU B 185 16.14 15.51 -23.02
C LEU B 185 15.93 16.53 -24.14
N THR B 186 16.30 17.78 -23.92
CA THR B 186 16.16 18.80 -24.96
C THR B 186 17.49 19.34 -25.51
N LEU B 187 17.57 19.36 -26.84
CA LEU B 187 18.72 19.83 -27.58
C LEU B 187 18.26 20.75 -28.70
N SER B 188 19.13 21.64 -29.14
CA SER B 188 18.88 22.39 -30.36
C SER B 188 19.07 21.44 -31.53
N LYS B 189 18.25 21.57 -32.57
CA LYS B 189 18.37 20.71 -33.73
C LYS B 189 19.84 20.54 -34.14
N ALA B 190 20.61 21.61 -34.01
CA ALA B 190 22.03 21.62 -34.31
C ALA B 190 22.76 20.56 -33.50
N ASP B 191 22.67 20.66 -32.17
CA ASP B 191 23.35 19.71 -31.31
C ASP B 191 22.84 18.28 -31.51
N TYR B 192 21.57 18.16 -31.87
CA TYR B 192 20.97 16.85 -32.04
C TYR B 192 21.56 16.12 -33.23
N GLU B 193 21.93 16.86 -34.26
CA GLU B 193 22.44 16.24 -35.47
C GLU B 193 23.94 15.95 -35.41
N LYS B 194 24.64 16.61 -34.49
CA LYS B 194 26.06 16.32 -34.26
C LYS B 194 26.34 15.02 -33.48
N HIS B 195 25.32 14.15 -33.34
CA HIS B 195 25.47 12.87 -32.63
C HIS B 195 24.53 11.78 -33.12
N LYS B 196 24.87 10.53 -32.80
CA LYS B 196 24.17 9.36 -33.35
C LYS B 196 23.37 8.59 -32.29
N VAL B 197 24.00 8.28 -31.16
CA VAL B 197 23.39 7.35 -30.21
C VAL B 197 22.77 8.02 -28.99
N TYR B 198 21.44 8.13 -29.00
CA TYR B 198 20.74 8.65 -27.85
C TYR B 198 20.29 7.55 -26.91
N ALA B 199 20.55 7.74 -25.61
CA ALA B 199 20.32 6.67 -24.67
C ALA B 199 19.80 7.13 -23.30
N CYS B 200 18.89 6.31 -22.78
CA CYS B 200 18.29 6.49 -21.48
C CYS B 200 18.79 5.34 -20.61
N GLU B 201 19.41 5.65 -19.49
CA GLU B 201 19.85 4.61 -18.58
C GLU B 201 19.12 4.69 -17.24
N VAL B 202 18.35 3.65 -16.95
CA VAL B 202 17.50 3.65 -15.78
C VAL B 202 18.02 2.73 -14.69
N THR B 203 18.02 3.23 -13.46
CA THR B 203 18.44 2.47 -12.29
C THR B 203 17.32 2.47 -11.26
N HIS B 204 17.02 1.29 -10.73
CA HIS B 204 15.83 1.10 -9.90
C HIS B 204 15.85 -0.24 -9.16
N GLN B 205 15.40 -0.26 -7.91
CA GLN B 205 15.52 -1.46 -7.06
C GLN B 205 14.80 -2.68 -7.63
N GLY B 206 13.93 -2.47 -8.61
CA GLY B 206 13.25 -3.57 -9.26
C GLY B 206 14.09 -4.19 -10.37
N LEU B 207 15.21 -3.56 -10.71
CA LEU B 207 16.07 -4.04 -11.78
C LEU B 207 17.35 -4.67 -11.25
N ARG B 208 17.69 -5.85 -11.77
CA ARG B 208 18.88 -6.57 -11.36
C ARG B 208 20.11 -5.73 -11.61
N SER B 209 20.10 -4.94 -12.68
CA SER B 209 21.15 -3.98 -12.96
C SER B 209 20.60 -2.88 -13.87
N PRO B 210 21.33 -1.76 -14.02
CA PRO B 210 20.76 -0.66 -14.81
C PRO B 210 20.30 -1.16 -16.15
N VAL B 211 19.31 -0.48 -16.70
CA VAL B 211 18.76 -0.85 -17.99
C VAL B 211 18.90 0.32 -18.93
N THR B 212 19.12 0.03 -20.21
CA THR B 212 19.40 1.08 -21.17
C THR B 212 18.47 0.92 -22.35
N LYS B 213 17.77 1.99 -22.70
CA LYS B 213 17.04 2.03 -23.95
C LYS B 213 17.69 3.06 -24.86
N SER B 214 17.84 2.73 -26.14
CA SER B 214 18.42 3.73 -27.03
C SER B 214 17.99 3.62 -28.48
N PHE B 215 18.55 4.48 -29.31
CA PHE B 215 18.32 4.48 -30.74
C PHE B 215 19.38 5.32 -31.43
N ASN B 216 19.42 5.28 -32.76
CA ASN B 216 20.38 6.08 -33.51
C ASN B 216 19.71 7.13 -34.40
N ARG B 217 20.29 8.34 -34.45
CA ARG B 217 19.90 9.36 -35.43
C ARG B 217 20.30 10.82 -35.08
N GLU C 1 8.22 -41.95 7.92
CA GLU C 1 6.80 -41.63 8.08
C GLU C 1 6.17 -41.31 6.72
N VAL C 2 4.84 -41.17 6.71
CA VAL C 2 4.10 -40.79 5.51
C VAL C 2 4.20 -39.30 5.24
N GLN C 3 4.61 -38.92 4.04
CA GLN C 3 4.71 -37.49 3.77
C GLN C 3 4.88 -37.06 2.32
N LEU C 4 4.78 -35.75 2.14
CA LEU C 4 4.90 -35.12 0.84
C LEU C 4 6.03 -34.09 0.86
N LEU C 5 7.01 -34.23 -0.04
CA LEU C 5 8.09 -33.25 -0.10
C LEU C 5 7.92 -32.45 -1.37
N GLU C 6 7.89 -31.14 -1.20
CA GLU C 6 7.65 -30.23 -2.30
C GLU C 6 8.93 -29.63 -2.86
N SER C 7 8.89 -29.28 -4.14
CA SER C 7 9.96 -28.50 -4.74
C SER C 7 9.35 -27.54 -5.75
N GLY C 8 10.19 -26.67 -6.32
CA GLY C 8 9.70 -25.63 -7.20
C GLY C 8 9.29 -24.36 -6.46
N GLY C 9 8.59 -23.47 -7.15
CA GLY C 9 8.16 -22.22 -6.54
C GLY C 9 9.25 -21.17 -6.69
N GLY C 10 9.01 -19.99 -6.13
CA GLY C 10 9.96 -18.91 -6.28
C GLY C 10 9.36 -17.77 -7.08
N LEU C 11 10.23 -17.02 -7.73
CA LEU C 11 9.85 -15.78 -8.38
C LEU C 11 9.49 -16.06 -9.84
N VAL C 12 8.55 -15.31 -10.40
CA VAL C 12 8.08 -15.60 -11.74
C VAL C 12 7.32 -14.40 -12.26
N LYS C 13 7.64 -13.99 -13.49
CA LYS C 13 7.05 -12.80 -14.08
C LYS C 13 5.57 -13.02 -14.38
N PRO C 14 4.80 -11.95 -14.39
CA PRO C 14 3.37 -12.03 -14.73
C PRO C 14 3.24 -12.51 -16.17
N GLY C 15 2.27 -13.39 -16.44
CA GLY C 15 2.14 -14.02 -17.75
C GLY C 15 3.00 -15.26 -17.86
N GLY C 16 3.99 -15.37 -16.98
CA GLY C 16 4.92 -16.48 -16.96
C GLY C 16 4.42 -17.78 -16.35
N SER C 17 5.32 -18.78 -16.35
CA SER C 17 4.97 -20.13 -15.95
C SER C 17 5.93 -20.70 -14.95
N LEU C 18 5.41 -21.62 -14.16
CA LEU C 18 6.13 -22.23 -13.07
C LEU C 18 5.60 -23.63 -12.99
N ARG C 19 6.46 -24.58 -12.66
CA ARG C 19 5.95 -25.91 -12.42
C ARG C 19 6.34 -26.36 -11.01
N LEU C 20 5.33 -26.64 -10.19
CA LEU C 20 5.57 -27.14 -8.84
C LEU C 20 5.63 -28.65 -8.83
N SER C 21 6.40 -29.21 -7.89
CA SER C 21 6.51 -30.67 -7.74
C SER C 21 6.20 -31.14 -6.34
N CYS C 22 5.75 -32.39 -6.25
CA CYS C 22 5.51 -33.01 -4.97
C CYS C 22 5.88 -34.48 -5.04
N ALA C 23 6.65 -34.96 -4.07
CA ALA C 23 7.02 -36.37 -4.01
C ALA C 23 6.44 -37.04 -2.77
N ALA C 24 5.80 -38.17 -2.95
CA ALA C 24 5.26 -38.92 -1.83
C ALA C 24 6.31 -39.88 -1.29
N SER C 25 6.41 -39.99 0.03
CA SER C 25 7.23 -41.02 0.64
C SER C 25 6.46 -41.64 1.79
N GLY C 26 6.49 -42.97 1.86
CA GLY C 26 5.78 -43.68 2.92
C GLY C 26 4.38 -44.11 2.54
N PHE C 27 4.04 -43.89 1.27
CA PHE C 27 2.78 -44.35 0.72
C PHE C 27 2.91 -44.26 -0.80
N THR C 28 1.92 -44.75 -1.53
CA THR C 28 2.06 -44.77 -2.98
C THR C 28 0.97 -43.96 -3.66
N LEU C 29 1.39 -42.96 -4.42
CA LEU C 29 0.46 -42.01 -5.03
C LEU C 29 -0.70 -42.70 -5.75
N ILE C 30 -0.45 -43.89 -6.29
CA ILE C 30 -1.42 -44.59 -7.13
C ILE C 30 -2.76 -44.78 -6.42
N ASN C 31 -2.74 -44.84 -5.10
CA ASN C 31 -3.97 -45.12 -4.38
C ASN C 31 -4.89 -43.93 -4.16
N TYR C 32 -4.33 -42.73 -4.12
CA TYR C 32 -5.08 -41.57 -3.65
C TYR C 32 -5.36 -40.53 -4.72
N ARG C 33 -6.43 -39.79 -4.52
CA ARG C 33 -6.71 -38.60 -5.29
C ARG C 33 -5.91 -37.46 -4.68
N MET C 34 -5.17 -36.72 -5.51
CA MET C 34 -4.23 -35.71 -5.05
C MET C 34 -4.74 -34.29 -5.32
N ASN C 35 -4.31 -33.32 -4.52
CA ASN C 35 -4.80 -31.94 -4.66
C ASN C 35 -3.75 -30.89 -4.43
N TRP C 36 -4.07 -29.66 -4.84
CA TRP C 36 -3.31 -28.47 -4.46
C TRP C 36 -4.21 -27.48 -3.73
N VAL C 37 -3.67 -26.87 -2.70
CA VAL C 37 -4.38 -25.86 -1.91
C VAL C 37 -3.43 -24.70 -1.73
N ARG C 38 -3.93 -23.48 -1.84
CA ARG C 38 -3.03 -22.34 -1.73
C ARG C 38 -3.50 -21.39 -0.66
N GLN C 39 -2.57 -20.57 -0.19
CA GLN C 39 -2.86 -19.64 0.88
C GLN C 39 -2.05 -18.38 0.67
N ALA C 40 -2.72 -17.30 0.33
CA ALA C 40 -2.05 -16.02 0.23
C ALA C 40 -1.58 -15.59 1.61
N PRO C 41 -0.41 -14.96 1.67
CA PRO C 41 0.07 -14.47 2.96
C PRO C 41 -1.02 -13.69 3.69
N GLY C 42 -1.27 -14.06 4.95
CA GLY C 42 -2.21 -13.37 5.80
C GLY C 42 -3.65 -13.84 5.64
N LYS C 43 -3.86 -14.80 4.72
CA LYS C 43 -5.21 -15.13 4.28
C LYS C 43 -5.64 -16.57 4.53
N GLY C 44 -6.87 -16.86 4.08
CA GLY C 44 -7.48 -18.15 4.24
C GLY C 44 -6.90 -19.20 3.33
N LEU C 45 -7.53 -20.36 3.31
CA LEU C 45 -7.12 -21.47 2.47
C LEU C 45 -8.05 -21.50 1.28
N GLU C 46 -7.50 -21.78 0.11
CA GLU C 46 -8.29 -21.91 -1.10
C GLU C 46 -7.87 -23.14 -1.90
N TRP C 47 -8.81 -24.06 -2.08
CA TRP C 47 -8.56 -25.22 -2.91
C TRP C 47 -8.36 -24.78 -4.36
N VAL C 48 -7.41 -25.40 -5.03
CA VAL C 48 -6.98 -24.97 -6.35
C VAL C 48 -7.30 -26.03 -7.41
N SER C 49 -6.91 -27.27 -7.15
CA SER C 49 -7.08 -28.31 -8.14
C SER C 49 -6.97 -29.72 -7.57
N SER C 50 -7.64 -30.67 -8.22
CA SER C 50 -7.55 -32.08 -7.83
C SER C 50 -7.44 -33.01 -9.04
N ILE C 51 -6.76 -34.12 -8.87
CA ILE C 51 -6.64 -35.12 -9.91
C ILE C 51 -6.80 -36.53 -9.33
N SER C 52 -7.68 -37.31 -9.93
CA SER C 52 -7.86 -38.70 -9.51
C SER C 52 -6.63 -39.52 -9.89
N SER C 53 -6.49 -40.69 -9.30
CA SER C 53 -5.34 -41.54 -9.53
C SER C 53 -5.09 -41.82 -11.00
N SER C 54 -6.15 -42.10 -11.75
CA SER C 54 -6.05 -42.43 -13.18
C SER C 54 -5.86 -41.19 -14.05
N SER C 55 -5.89 -40.03 -13.42
CA SER C 55 -5.84 -38.75 -14.11
C SER C 55 -7.10 -38.44 -14.91
N SER C 56 -8.17 -39.22 -14.67
CA SER C 56 -9.40 -39.13 -15.46
C SER C 56 -10.38 -38.09 -14.95
N TYR C 57 -10.47 -37.98 -13.63
CA TYR C 57 -11.26 -36.90 -13.06
C TYR C 57 -10.28 -35.80 -12.69
N ILE C 58 -10.45 -34.64 -13.32
CA ILE C 58 -9.62 -33.48 -13.05
C ILE C 58 -10.51 -32.29 -12.82
N HIS C 59 -10.13 -31.44 -11.89
CA HIS C 59 -11.01 -30.36 -11.49
C HIS C 59 -10.22 -29.16 -11.00
N TYR C 60 -10.69 -27.97 -11.40
CA TYR C 60 -10.02 -26.73 -11.07
C TYR C 60 -10.95 -25.75 -10.37
N ALA C 61 -10.39 -24.84 -9.60
CA ALA C 61 -11.19 -23.76 -9.03
C ALA C 61 -11.35 -22.67 -10.09
N ASP C 62 -12.52 -22.04 -10.13
CA ASP C 62 -12.81 -21.05 -11.15
C ASP C 62 -11.73 -19.98 -11.25
N SER C 63 -11.12 -19.64 -10.11
CA SER C 63 -10.07 -18.63 -10.11
C SER C 63 -8.84 -19.04 -10.90
N VAL C 64 -8.62 -20.34 -11.07
CA VAL C 64 -7.45 -20.81 -11.82
C VAL C 64 -7.77 -21.52 -13.13
N LYS C 65 -9.03 -21.82 -13.39
CA LYS C 65 -9.39 -22.43 -14.66
C LYS C 65 -8.69 -21.69 -15.79
N GLY C 66 -8.03 -22.44 -16.67
CA GLY C 66 -7.44 -21.86 -17.86
C GLY C 66 -5.97 -21.55 -17.70
N ARG C 67 -5.48 -21.57 -16.47
CA ARG C 67 -4.13 -21.10 -16.20
C ARG C 67 -3.27 -22.12 -15.46
N PHE C 68 -3.90 -23.01 -14.72
CA PHE C 68 -3.14 -24.02 -14.01
C PHE C 68 -3.48 -25.37 -14.62
N THR C 69 -2.50 -26.26 -14.66
CA THR C 69 -2.73 -27.60 -15.18
C THR C 69 -2.14 -28.64 -14.24
N ILE C 70 -3.01 -29.37 -13.56
CA ILE C 70 -2.56 -30.35 -12.60
C ILE C 70 -2.21 -31.63 -13.32
N SER C 71 -1.30 -32.39 -12.74
CA SER C 71 -0.63 -33.44 -13.47
C SER C 71 -0.10 -34.45 -12.48
N ARG C 72 0.18 -35.65 -12.94
CA ARG C 72 0.48 -36.73 -12.04
C ARG C 72 1.36 -37.76 -12.72
N ASP C 73 2.24 -38.41 -11.96
CA ASP C 73 3.07 -39.48 -12.51
C ASP C 73 3.16 -40.59 -11.45
N ASN C 74 2.19 -41.51 -11.48
CA ASN C 74 2.10 -42.49 -10.42
C ASN C 74 3.36 -43.32 -10.31
N ALA C 75 3.88 -43.75 -11.44
CA ALA C 75 5.06 -44.59 -11.44
C ALA C 75 6.21 -43.93 -10.68
N GLU C 76 6.19 -42.60 -10.60
CA GLU C 76 7.25 -41.89 -9.92
C GLU C 76 6.80 -41.26 -8.60
N ASN C 77 5.59 -41.59 -8.20
CA ASN C 77 5.08 -41.16 -6.91
C ASN C 77 5.15 -39.64 -6.80
N SER C 78 4.85 -38.97 -7.91
CA SER C 78 5.03 -37.53 -7.98
C SER C 78 3.79 -36.83 -8.48
N LEU C 79 3.59 -35.61 -7.97
CA LEU C 79 2.47 -34.76 -8.36
C LEU C 79 2.98 -33.40 -8.84
N TYR C 80 2.28 -32.81 -9.81
CA TYR C 80 2.73 -31.59 -10.45
C TYR C 80 1.60 -30.59 -10.59
N LEU C 81 1.96 -29.32 -10.52
CA LEU C 81 1.04 -28.25 -10.86
C LEU C 81 1.81 -27.32 -11.79
N GLN C 82 1.33 -27.18 -13.03
CA GLN C 82 1.97 -26.29 -13.99
C GLN C 82 1.15 -25.03 -14.04
N MET C 83 1.75 -23.95 -13.57
CA MET C 83 1.10 -22.67 -13.43
C MET C 83 1.48 -21.77 -14.60
N ASN C 84 0.48 -21.32 -15.37
CA ASN C 84 0.74 -20.53 -16.59
C ASN C 84 0.01 -19.21 -16.60
N SER C 85 0.47 -18.27 -17.41
CA SER C 85 -0.15 -16.96 -17.47
C SER C 85 -0.46 -16.48 -16.05
N LEU C 86 0.56 -16.55 -15.19
CA LEU C 86 0.36 -16.21 -13.78
C LEU C 86 0.07 -14.73 -13.62
N ARG C 87 -0.66 -14.39 -12.56
CA ARG C 87 -0.90 -13.01 -12.22
C ARG C 87 -0.61 -12.73 -10.74
N ALA C 88 -0.49 -11.45 -10.39
CA ALA C 88 -0.18 -11.06 -9.03
C ALA C 88 -1.05 -11.82 -8.02
N GLU C 89 -2.34 -11.95 -8.31
CA GLU C 89 -3.27 -12.67 -7.43
C GLU C 89 -2.91 -14.14 -7.19
N ASP C 90 -1.99 -14.68 -7.98
CA ASP C 90 -1.60 -16.07 -7.81
C ASP C 90 -0.50 -16.21 -6.77
N THR C 91 -0.03 -15.08 -6.27
CA THR C 91 1.04 -15.09 -5.27
C THR C 91 0.54 -15.75 -3.98
N ALA C 92 1.21 -16.80 -3.54
CA ALA C 92 0.73 -17.53 -2.36
C ALA C 92 1.65 -18.67 -1.97
N VAL C 93 1.39 -19.27 -0.82
CA VAL C 93 1.97 -20.57 -0.51
C VAL C 93 1.11 -21.66 -1.12
N TYR C 94 1.74 -22.57 -1.85
CA TYR C 94 1.03 -23.70 -2.48
C TYR C 94 1.29 -25.02 -1.78
N TYR C 95 0.22 -25.67 -1.35
CA TYR C 95 0.37 -26.95 -0.66
C TYR C 95 -0.07 -28.09 -1.57
N CYS C 96 0.71 -29.15 -1.64
CA CYS C 96 0.13 -30.39 -2.13
C CYS C 96 -0.51 -31.16 -0.97
N VAL C 97 -1.67 -31.72 -1.27
CA VAL C 97 -2.49 -32.33 -0.28
C VAL C 97 -2.97 -33.67 -0.79
N ARG C 98 -2.86 -34.68 0.06
CA ARG C 98 -3.46 -35.97 -0.24
C ARG C 98 -4.88 -36.00 0.28
N GLU C 99 -5.80 -36.50 -0.54
CA GLU C 99 -7.16 -36.71 -0.10
C GLU C 99 -7.26 -38.09 0.56
N GLY C 100 -8.07 -38.21 1.61
CA GLY C 100 -8.20 -39.47 2.30
C GLY C 100 -8.63 -40.62 1.40
N PRO C 101 -8.48 -41.86 1.88
CA PRO C 101 -8.62 -43.05 1.06
C PRO C 101 -10.05 -43.30 0.57
N ARG C 102 -11.06 -42.73 1.22
CA ARG C 102 -12.43 -42.96 0.75
C ARG C 102 -12.77 -42.20 -0.54
N ALA C 103 -11.74 -41.62 -1.17
CA ALA C 103 -11.91 -40.85 -2.41
C ALA C 103 -11.29 -41.57 -3.59
N THR C 104 -12.13 -41.97 -4.54
CA THR C 104 -11.65 -42.66 -5.74
C THR C 104 -12.27 -42.06 -6.97
N GLY C 105 -11.53 -42.06 -8.08
CA GLY C 105 -12.05 -41.57 -9.33
C GLY C 105 -12.95 -40.35 -9.17
N TYR C 106 -14.24 -40.53 -9.44
CA TYR C 106 -15.19 -39.42 -9.47
C TYR C 106 -16.06 -39.31 -8.22
N SER C 107 -15.69 -40.02 -7.16
CA SER C 107 -16.55 -40.13 -5.99
C SER C 107 -16.67 -38.84 -5.16
N MET C 108 -17.55 -38.90 -4.17
CA MET C 108 -17.60 -37.91 -3.11
C MET C 108 -16.19 -37.74 -2.58
N ALA C 109 -15.87 -36.54 -2.12
CA ALA C 109 -14.54 -36.23 -1.61
C ALA C 109 -14.26 -36.87 -0.25
N ASP C 110 -12.99 -36.88 0.13
CA ASP C 110 -12.58 -37.24 1.49
C ASP C 110 -11.80 -36.03 2.02
N VAL C 111 -11.37 -36.10 3.27
CA VAL C 111 -10.67 -34.96 3.87
C VAL C 111 -9.23 -34.93 3.41
N PHE C 112 -8.59 -33.79 3.66
CA PHE C 112 -7.18 -33.57 3.33
C PHE C 112 -6.28 -34.05 4.48
N ASP C 113 -5.79 -35.29 4.38
CA ASP C 113 -5.15 -35.92 5.54
C ASP C 113 -3.62 -35.77 5.63
N ILE C 114 -2.97 -35.49 4.52
CA ILE C 114 -1.53 -35.25 4.51
C ILE C 114 -1.23 -33.97 3.73
N TRP C 115 -0.46 -33.06 4.31
CA TRP C 115 -0.03 -31.86 3.61
C TRP C 115 1.47 -31.79 3.38
N GLY C 116 1.88 -31.25 2.24
CA GLY C 116 3.27 -30.87 2.07
C GLY C 116 3.57 -29.65 2.93
N GLN C 117 4.83 -29.25 3.00
CA GLN C 117 5.24 -28.10 3.81
C GLN C 117 4.92 -26.77 3.13
N GLY C 118 4.63 -26.79 1.84
CA GLY C 118 4.34 -25.56 1.14
C GLY C 118 5.52 -24.94 0.39
N THR C 119 5.18 -24.22 -0.66
CA THR C 119 6.11 -23.55 -1.53
C THR C 119 5.55 -22.16 -1.79
N MET C 120 6.35 -21.13 -1.54
CA MET C 120 5.95 -19.76 -1.83
C MET C 120 6.11 -19.50 -3.34
N VAL C 121 5.04 -19.03 -3.98
CA VAL C 121 5.13 -18.53 -5.35
C VAL C 121 4.80 -17.03 -5.41
N THR C 122 5.70 -16.26 -6.01
CA THR C 122 5.55 -14.81 -6.07
C THR C 122 5.60 -14.34 -7.51
N VAL C 123 4.47 -13.86 -8.00
CA VAL C 123 4.37 -13.34 -9.35
C VAL C 123 4.71 -11.85 -9.33
N SER C 124 5.80 -11.47 -10.00
CA SER C 124 6.31 -10.10 -9.93
C SER C 124 7.25 -9.76 -11.09
N SER C 125 7.29 -8.48 -11.48
CA SER C 125 8.18 -8.01 -12.53
C SER C 125 9.57 -7.71 -12.02
N ALA C 126 9.70 -7.70 -10.69
CA ALA C 126 10.93 -7.28 -10.06
C ALA C 126 11.92 -8.41 -10.07
N SER C 127 13.18 -8.08 -10.25
CA SER C 127 14.20 -9.09 -10.18
C SER C 127 14.45 -9.41 -8.71
N THR C 128 15.04 -10.57 -8.45
CA THR C 128 15.22 -11.03 -7.11
C THR C 128 16.36 -10.25 -6.46
N LYS C 129 16.30 -10.11 -5.15
CA LYS C 129 17.36 -9.42 -4.40
C LYS C 129 17.63 -10.12 -3.08
N GLY C 130 18.89 -10.49 -2.87
CA GLY C 130 19.25 -11.18 -1.64
C GLY C 130 19.50 -10.22 -0.51
N PRO C 131 19.27 -10.68 0.72
CA PRO C 131 19.32 -9.79 1.90
C PRO C 131 20.73 -9.36 2.25
N SER C 132 20.81 -8.25 2.98
CA SER C 132 22.01 -7.93 3.72
C SER C 132 21.74 -8.37 5.15
N VAL C 133 22.67 -9.09 5.75
CA VAL C 133 22.53 -9.57 7.11
C VAL C 133 23.41 -8.76 8.05
N PHE C 134 22.80 -7.84 8.81
CA PHE C 134 23.56 -7.06 9.78
C PHE C 134 23.37 -7.58 11.20
N PRO C 135 24.44 -7.51 11.99
CA PRO C 135 24.37 -7.96 13.39
C PRO C 135 23.51 -7.01 14.21
N LEU C 136 22.90 -7.53 15.26
CA LEU C 136 22.30 -6.72 16.30
C LEU C 136 23.10 -7.00 17.57
N ALA C 137 24.05 -6.12 17.84
CA ALA C 137 25.04 -6.28 18.92
C ALA C 137 24.44 -6.54 20.31
N PRO C 138 24.80 -7.68 20.92
CA PRO C 138 24.41 -8.11 22.27
C PRO C 138 25.14 -7.30 23.34
N SER C 139 24.68 -6.09 23.59
CA SER C 139 25.40 -5.17 24.48
C SER C 139 25.18 -5.45 25.97
N SER C 140 25.86 -4.67 26.81
CA SER C 140 25.51 -4.61 28.21
C SER C 140 24.20 -3.85 28.31
N LYS C 141 23.83 -3.22 27.20
CA LYS C 141 22.61 -2.41 27.08
C LYS C 141 21.41 -3.30 26.75
N SER C 142 21.66 -4.61 26.77
CA SER C 142 20.63 -5.60 26.48
C SER C 142 20.70 -6.75 27.48
N THR C 143 20.92 -6.42 28.76
CA THR C 143 21.09 -7.42 29.82
C THR C 143 20.08 -7.26 30.94
N SER C 144 19.03 -8.07 30.91
CA SER C 144 17.99 -8.05 31.96
C SER C 144 18.11 -9.26 32.88
N GLY C 145 18.37 -8.99 34.16
CA GLY C 145 18.57 -10.06 35.13
C GLY C 145 19.78 -10.90 34.75
N GLY C 146 19.55 -12.16 34.44
CA GLY C 146 20.62 -13.03 34.01
C GLY C 146 20.60 -13.37 32.52
N THR C 147 19.90 -12.55 31.73
CA THR C 147 19.80 -12.77 30.27
C THR C 147 19.99 -11.52 29.40
N ALA C 148 20.58 -11.71 28.22
CA ALA C 148 20.82 -10.64 27.26
C ALA C 148 20.21 -10.96 25.90
N ALA C 149 20.11 -9.97 25.03
CA ALA C 149 19.47 -10.19 23.74
C ALA C 149 20.37 -9.76 22.59
N LEU C 150 20.54 -10.66 21.63
CA LEU C 150 21.31 -10.39 20.41
C LEU C 150 20.47 -10.86 19.22
N GLY C 151 20.85 -10.46 18.01
CA GLY C 151 20.11 -10.91 16.85
C GLY C 151 20.64 -10.49 15.50
N CYS C 152 19.91 -10.88 14.45
CA CYS C 152 20.27 -10.55 13.07
C CYS C 152 19.20 -9.75 12.38
N LEU C 153 19.60 -8.63 11.78
CA LEU C 153 18.67 -7.80 11.02
C LEU C 153 18.85 -8.19 9.55
N VAL C 154 17.92 -8.98 9.03
CA VAL C 154 17.99 -9.46 7.67
C VAL C 154 17.19 -8.49 6.79
N LYS C 155 17.90 -7.74 5.95
CA LYS C 155 17.31 -6.53 5.37
C LYS C 155 17.30 -6.44 3.85
N ASP C 156 16.17 -5.98 3.32
CA ASP C 156 16.07 -5.58 1.92
C ASP C 156 16.18 -6.76 0.95
N TYR C 157 15.30 -7.73 1.09
CA TYR C 157 15.32 -8.88 0.19
C TYR C 157 13.98 -9.06 -0.52
N PHE C 158 13.99 -9.76 -1.65
CA PHE C 158 12.78 -10.02 -2.42
C PHE C 158 13.01 -11.18 -3.36
N PRO C 159 12.02 -12.08 -3.48
CA PRO C 159 10.76 -12.07 -2.74
C PRO C 159 10.93 -12.83 -1.43
N GLU C 160 9.82 -13.23 -0.82
CA GLU C 160 9.88 -14.13 0.33
C GLU C 160 10.04 -15.56 -0.16
N PRO C 161 10.44 -16.47 0.73
CA PRO C 161 10.79 -16.22 2.12
C PRO C 161 12.30 -16.27 2.36
N VAL C 162 12.62 -16.11 3.62
CA VAL C 162 13.96 -16.20 4.12
C VAL C 162 13.85 -17.11 5.32
N THR C 163 14.81 -18.01 5.51
CA THR C 163 14.82 -18.81 6.72
C THR C 163 16.00 -18.40 7.60
N VAL C 164 15.78 -18.46 8.90
CA VAL C 164 16.83 -18.14 9.85
C VAL C 164 16.98 -19.22 10.89
N SER C 165 18.21 -19.44 11.31
CA SER C 165 18.49 -20.43 12.32
C SER C 165 19.68 -19.90 13.08
N TRP C 166 19.88 -20.36 14.30
CA TRP C 166 21.04 -19.96 15.07
C TRP C 166 21.95 -21.14 15.35
N ASN C 167 23.25 -20.91 15.23
CA ASN C 167 24.23 -21.96 15.43
C ASN C 167 23.75 -23.24 14.76
N SER C 168 23.39 -23.09 13.49
CA SER C 168 23.11 -24.21 12.60
C SER C 168 22.11 -25.24 13.16
N GLY C 169 21.07 -24.75 13.82
CA GLY C 169 20.04 -25.63 14.31
C GLY C 169 20.12 -25.81 15.80
N ALA C 170 21.34 -25.73 16.33
CA ALA C 170 21.58 -25.88 17.77
C ALA C 170 20.62 -25.02 18.60
N LEU C 171 20.88 -23.72 18.62
CA LEU C 171 20.15 -22.76 19.45
C LEU C 171 18.70 -22.57 19.00
N THR C 172 17.76 -22.98 19.85
CA THR C 172 16.33 -22.88 19.55
C THR C 172 15.59 -22.16 20.68
N SER C 173 15.88 -22.56 21.90
CA SER C 173 15.31 -21.93 23.07
C SER C 173 15.54 -20.43 23.05
N GLY C 174 14.46 -19.67 23.27
CA GLY C 174 14.56 -18.25 23.45
C GLY C 174 14.71 -17.50 22.14
N VAL C 175 14.49 -18.21 21.04
CA VAL C 175 14.59 -17.61 19.73
C VAL C 175 13.24 -17.08 19.25
N HIS C 176 13.25 -15.83 18.78
CA HIS C 176 12.08 -15.23 18.17
C HIS C 176 12.49 -14.69 16.83
N THR C 177 12.03 -15.33 15.76
CA THR C 177 12.27 -14.83 14.43
C THR C 177 11.02 -14.09 13.97
N PHE C 178 11.12 -12.79 13.75
CA PHE C 178 9.91 -12.01 13.51
C PHE C 178 9.34 -12.19 12.12
N PRO C 179 8.03 -12.01 12.01
CA PRO C 179 7.45 -12.00 10.67
C PRO C 179 8.15 -10.94 9.85
N ALA C 180 8.33 -11.19 8.56
CA ALA C 180 8.90 -10.18 7.68
C ALA C 180 7.95 -8.99 7.60
N VAL C 181 8.49 -7.80 7.39
CA VAL C 181 7.66 -6.63 7.09
C VAL C 181 8.00 -6.03 5.73
N LEU C 182 6.97 -5.63 5.01
CA LEU C 182 7.16 -4.95 3.74
C LEU C 182 7.61 -3.52 4.02
N GLN C 183 8.80 -3.17 3.55
CA GLN C 183 9.31 -1.81 3.71
C GLN C 183 8.76 -0.82 2.68
N SER C 184 9.00 0.47 2.91
CA SER C 184 8.58 1.51 1.97
C SER C 184 9.19 1.31 0.59
N SER C 185 10.35 0.67 0.57
CA SER C 185 11.11 0.46 -0.66
C SER C 185 10.59 -0.73 -1.47
N GLY C 186 9.61 -1.44 -0.93
CA GLY C 186 9.03 -2.58 -1.62
C GLY C 186 9.85 -3.85 -1.42
N LEU C 187 10.90 -3.73 -0.63
CA LEU C 187 11.68 -4.90 -0.24
C LEU C 187 11.30 -5.35 1.18
N TYR C 188 11.63 -6.60 1.51
CA TYR C 188 11.28 -7.13 2.82
C TYR C 188 12.41 -7.00 3.81
N SER C 189 12.03 -7.01 5.08
CA SER C 189 12.98 -7.01 6.18
C SER C 189 12.41 -7.85 7.29
N LEU C 190 13.31 -8.51 8.00
CA LEU C 190 12.95 -9.47 9.01
C LEU C 190 14.12 -9.51 9.96
N SER C 191 13.85 -9.43 11.26
CA SER C 191 14.91 -9.64 12.22
C SER C 191 14.64 -10.89 13.04
N SER C 192 15.71 -11.54 13.46
CA SER C 192 15.63 -12.68 14.35
C SER C 192 16.46 -12.36 15.60
N VAL C 193 15.89 -12.61 16.78
CA VAL C 193 16.60 -12.32 18.02
C VAL C 193 16.62 -13.54 18.92
N VAL C 194 17.57 -13.56 19.84
CA VAL C 194 17.58 -14.61 20.84
C VAL C 194 18.10 -14.10 22.18
N THR C 195 17.42 -14.49 23.26
CA THR C 195 17.90 -14.14 24.59
C THR C 195 18.88 -15.18 25.10
N VAL C 196 19.95 -14.73 25.71
CA VAL C 196 20.96 -15.62 26.21
C VAL C 196 21.50 -15.16 27.57
N PRO C 197 22.02 -16.09 28.38
CA PRO C 197 22.67 -15.81 29.66
C PRO C 197 23.73 -14.71 29.55
N SER C 198 23.56 -13.64 30.30
CA SER C 198 24.57 -12.59 30.38
C SER C 198 25.95 -13.24 30.46
N SER C 199 26.02 -14.32 31.24
CA SER C 199 27.24 -15.09 31.45
C SER C 199 27.97 -15.42 30.16
N SER C 200 27.25 -16.05 29.24
CA SER C 200 27.84 -16.65 28.03
C SER C 200 28.24 -15.65 26.95
N LEU C 201 27.75 -14.42 27.07
CA LEU C 201 27.97 -13.36 26.07
C LEU C 201 29.36 -13.29 25.43
N GLY C 202 30.39 -13.63 26.19
CA GLY C 202 31.73 -13.57 25.65
C GLY C 202 32.40 -14.92 25.69
N THR C 203 31.61 -15.95 25.97
CA THR C 203 32.16 -17.29 26.18
C THR C 203 31.67 -18.26 25.13
N GLN C 204 30.54 -17.94 24.50
CA GLN C 204 30.06 -18.78 23.40
C GLN C 204 29.75 -18.02 22.12
N THR C 205 29.99 -18.70 20.99
CA THR C 205 29.79 -18.13 19.66
C THR C 205 28.32 -18.09 19.27
N TYR C 206 27.87 -16.93 18.82
CA TYR C 206 26.51 -16.81 18.27
C TYR C 206 26.53 -16.31 16.83
N ILE C 207 26.07 -17.17 15.93
CA ILE C 207 26.00 -16.84 14.51
C ILE C 207 24.68 -17.30 13.92
N CYS C 208 23.97 -16.39 13.25
CA CYS C 208 22.71 -16.76 12.65
C CYS C 208 22.86 -17.14 11.19
N ASN C 209 22.28 -18.28 10.84
CA ASN C 209 22.30 -18.81 9.48
C ASN C 209 21.10 -18.31 8.69
N VAL C 210 21.34 -17.36 7.81
CA VAL C 210 20.28 -16.85 6.98
C VAL C 210 20.34 -17.46 5.60
N ASN C 211 19.19 -17.90 5.11
CA ASN C 211 19.12 -18.58 3.83
C ASN C 211 17.98 -17.98 3.00
N HIS C 212 18.32 -17.39 1.85
CA HIS C 212 17.34 -16.85 0.92
C HIS C 212 17.49 -17.54 -0.43
N LYS C 213 16.70 -18.60 -0.66
CA LYS C 213 16.86 -19.44 -1.86
C LYS C 213 16.66 -18.71 -3.17
N PRO C 214 15.62 -17.86 -3.27
CA PRO C 214 15.40 -17.21 -4.57
C PRO C 214 16.63 -16.47 -5.10
N SER C 215 17.51 -16.00 -4.24
CA SER C 215 18.71 -15.31 -4.70
C SER C 215 19.91 -16.20 -4.45
N ASN C 216 19.63 -17.47 -4.15
CA ASN C 216 20.70 -18.41 -3.84
C ASN C 216 21.70 -17.82 -2.83
N THR C 217 21.18 -17.24 -1.76
CA THR C 217 22.01 -16.58 -0.76
C THR C 217 22.09 -17.40 0.54
N LYS C 218 23.30 -17.65 1.00
CA LYS C 218 23.49 -18.29 2.30
C LYS C 218 24.49 -17.46 3.09
N VAL C 219 24.06 -16.93 4.22
CA VAL C 219 24.91 -16.06 5.00
C VAL C 219 25.03 -16.57 6.45
N ASP C 220 26.17 -16.32 7.07
CA ASP C 220 26.37 -16.69 8.46
C ASP C 220 27.02 -15.56 9.24
N LYS C 221 26.26 -14.50 9.47
CA LYS C 221 26.80 -13.33 10.16
C LYS C 221 27.10 -13.64 11.62
N LYS C 222 28.28 -13.24 12.06
CA LYS C 222 28.73 -13.51 13.42
C LYS C 222 28.29 -12.39 14.37
N VAL C 223 27.26 -12.65 15.15
CA VAL C 223 26.84 -11.67 16.14
C VAL C 223 27.75 -11.80 17.36
N GLU C 224 28.47 -10.72 17.66
CA GLU C 224 29.39 -10.68 18.78
C GLU C 224 29.31 -9.33 19.47
N PRO C 225 29.53 -9.32 20.79
CA PRO C 225 29.39 -8.10 21.61
C PRO C 225 30.03 -6.87 20.98
N GLU D 1 -22.15 -22.99 -4.95
CA GLU D 1 -20.84 -22.98 -4.30
C GLU D 1 -20.96 -22.75 -2.80
N LEU D 2 -20.90 -23.81 -2.02
CA LEU D 2 -21.18 -23.69 -0.59
C LEU D 2 -20.30 -22.66 0.09
N VAL D 3 -20.90 -21.92 1.02
CA VAL D 3 -20.14 -20.94 1.78
C VAL D 3 -20.07 -21.33 3.24
N MET D 4 -18.84 -21.48 3.73
CA MET D 4 -18.61 -21.80 5.12
C MET D 4 -18.33 -20.52 5.88
N THR D 5 -19.03 -20.34 7.00
CA THR D 5 -18.91 -19.16 7.83
C THR D 5 -18.59 -19.59 9.26
N GLN D 6 -17.44 -19.12 9.75
CA GLN D 6 -17.04 -19.42 11.11
C GLN D 6 -17.30 -18.23 12.00
N SER D 7 -17.52 -18.49 13.27
CA SER D 7 -17.58 -17.43 14.26
C SER D 7 -17.28 -18.04 15.61
N PRO D 8 -16.61 -17.26 16.45
CA PRO D 8 -16.22 -15.88 16.11
C PRO D 8 -14.96 -15.87 15.26
N ASP D 9 -14.44 -14.69 14.93
CA ASP D 9 -13.18 -14.60 14.21
C ASP D 9 -11.99 -14.83 15.14
N SER D 10 -12.09 -14.30 16.35
CA SER D 10 -11.06 -14.48 17.34
C SER D 10 -11.73 -14.93 18.60
N LEU D 11 -10.93 -15.47 19.50
CA LEU D 11 -11.47 -16.04 20.70
C LEU D 11 -10.32 -16.17 21.67
N ALA D 12 -10.51 -15.64 22.87
CA ALA D 12 -9.47 -15.73 23.87
C ALA D 12 -10.02 -16.42 25.09
N VAL D 13 -9.29 -17.43 25.54
CA VAL D 13 -9.75 -18.26 26.64
C VAL D 13 -8.63 -18.53 27.63
N SER D 14 -8.95 -18.49 28.94
CA SER D 14 -7.94 -18.78 29.96
C SER D 14 -7.49 -20.22 29.85
N LEU D 15 -6.28 -20.50 30.32
CA LEU D 15 -5.70 -21.83 30.23
C LEU D 15 -6.64 -22.82 30.90
N GLY D 16 -6.99 -23.88 30.17
CA GLY D 16 -7.79 -24.93 30.77
C GLY D 16 -9.28 -24.67 30.65
N GLU D 17 -9.67 -23.44 30.35
CA GLU D 17 -11.07 -23.15 30.08
C GLU D 17 -11.46 -23.80 28.75
N ARG D 18 -12.76 -23.82 28.46
CA ARG D 18 -13.27 -24.48 27.28
C ARG D 18 -13.29 -23.49 26.12
N ALA D 19 -13.06 -23.97 24.91
CA ALA D 19 -13.12 -23.12 23.73
C ALA D 19 -14.07 -23.72 22.71
N THR D 20 -14.94 -22.89 22.15
CA THR D 20 -15.90 -23.39 21.17
C THR D 20 -15.94 -22.47 19.98
N ILE D 21 -16.05 -23.08 18.82
CA ILE D 21 -16.02 -22.38 17.55
C ILE D 21 -17.11 -22.96 16.68
N ASN D 22 -17.81 -22.09 15.96
CA ASN D 22 -18.90 -22.56 15.10
C ASN D 22 -18.59 -22.43 13.62
N CYS D 23 -19.21 -23.33 12.85
CA CYS D 23 -19.14 -23.33 11.39
C CYS D 23 -20.56 -23.42 10.90
N LYS D 24 -20.91 -22.60 9.93
CA LYS D 24 -22.22 -22.71 9.34
C LYS D 24 -22.09 -22.84 7.83
N SER D 25 -22.74 -23.85 7.25
CA SER D 25 -22.75 -24.02 5.81
C SER D 25 -24.04 -23.49 5.23
N SER D 26 -23.94 -22.81 4.09
CA SER D 26 -25.09 -22.23 3.42
C SER D 26 -26.05 -23.30 2.95
N GLN D 27 -25.62 -24.55 2.99
CA GLN D 27 -26.45 -25.68 2.61
C GLN D 27 -25.96 -26.93 3.28
N SER D 28 -26.86 -27.88 3.51
CA SER D 28 -26.51 -29.12 4.19
C SER D 28 -25.41 -29.87 3.47
N VAL D 29 -24.47 -30.38 4.26
CA VAL D 29 -23.37 -31.19 3.77
C VAL D 29 -23.60 -32.60 4.29
N LEU D 30 -24.81 -32.85 4.78
CA LEU D 30 -25.25 -34.17 5.20
C LEU D 30 -25.62 -35.05 4.01
N TYR D 31 -24.95 -36.18 3.88
CA TYR D 31 -25.12 -37.08 2.76
C TYR D 31 -26.17 -38.14 3.10
N SER D 32 -27.23 -38.22 2.31
CA SER D 32 -28.23 -39.26 2.51
C SER D 32 -27.63 -40.58 2.05
N SER D 33 -27.72 -41.61 2.90
CA SER D 33 -26.91 -42.82 2.79
C SER D 33 -25.62 -42.53 3.53
N ASN D 34 -25.02 -43.57 4.10
CA ASN D 34 -24.00 -43.42 5.13
C ASN D 34 -24.39 -42.47 6.29
N ASN D 35 -25.25 -41.49 6.02
CA ASN D 35 -25.70 -40.53 7.03
C ASN D 35 -24.57 -39.69 7.71
N LYS D 36 -23.55 -39.37 6.94
CA LYS D 36 -22.40 -38.61 7.43
C LYS D 36 -22.48 -37.18 6.94
N SER D 37 -22.14 -36.23 7.80
CA SER D 37 -21.97 -34.85 7.35
C SER D 37 -20.51 -34.69 6.90
N TYR D 38 -20.32 -34.25 5.66
CA TYR D 38 -18.99 -34.14 5.09
C TYR D 38 -18.29 -32.85 5.49
N LEU D 39 -17.76 -32.84 6.70
CA LEU D 39 -17.25 -31.62 7.27
C LEU D 39 -16.01 -31.90 8.10
N ALA D 40 -14.95 -31.12 7.86
CA ALA D 40 -13.70 -31.32 8.59
C ALA D 40 -13.26 -30.07 9.34
N TRP D 41 -12.50 -30.28 10.41
CA TRP D 41 -11.80 -29.18 11.09
C TRP D 41 -10.29 -29.36 11.00
N TYR D 42 -9.59 -28.27 10.73
CA TYR D 42 -8.14 -28.26 10.66
C TYR D 42 -7.57 -27.25 11.62
N GLN D 43 -6.41 -27.56 12.16
CA GLN D 43 -5.66 -26.63 12.99
C GLN D 43 -4.44 -26.20 12.21
N GLN D 44 -4.14 -24.91 12.20
CA GLN D 44 -2.92 -24.44 11.56
C GLN D 44 -2.14 -23.52 12.48
N LYS D 45 -0.90 -23.88 12.76
CA LYS D 45 -0.04 -23.05 13.59
C LYS D 45 0.91 -22.28 12.71
N PRO D 46 1.32 -21.09 13.17
CA PRO D 46 2.21 -20.22 12.42
C PRO D 46 3.39 -21.01 11.82
N GLY D 47 3.54 -20.93 10.50
CA GLY D 47 4.69 -21.49 9.82
C GLY D 47 4.49 -22.91 9.34
N GLN D 48 3.26 -23.43 9.46
CA GLN D 48 3.02 -24.83 9.14
C GLN D 48 1.77 -25.04 8.32
N PRO D 49 1.69 -26.17 7.64
CA PRO D 49 0.46 -26.35 6.89
C PRO D 49 -0.61 -26.74 7.88
N PRO D 50 -1.86 -26.60 7.46
CA PRO D 50 -2.96 -27.03 8.31
C PRO D 50 -2.77 -28.48 8.70
N LYS D 51 -3.30 -28.85 9.86
CA LYS D 51 -3.25 -30.22 10.34
C LYS D 51 -4.69 -30.67 10.57
N LEU D 52 -5.05 -31.83 10.04
CA LEU D 52 -6.41 -32.32 10.16
C LEU D 52 -6.72 -32.79 11.59
N LEU D 53 -7.83 -32.31 12.13
CA LEU D 53 -8.24 -32.64 13.50
C LEU D 53 -9.41 -33.61 13.52
N ILE D 54 -10.40 -33.33 12.68
CA ILE D 54 -11.71 -33.96 12.75
C ILE D 54 -12.33 -34.12 11.36
N TYR D 55 -12.80 -35.32 11.04
CA TYR D 55 -13.50 -35.54 9.78
C TYR D 55 -14.90 -36.09 10.04
N TRP D 56 -15.74 -36.04 9.01
CA TRP D 56 -17.15 -36.35 9.17
C TRP D 56 -17.78 -35.68 10.39
N ALA D 57 -17.50 -34.38 10.54
CA ALA D 57 -18.10 -33.55 11.59
C ALA D 57 -17.71 -33.88 13.02
N SER D 58 -17.55 -35.16 13.35
CA SER D 58 -17.34 -35.53 14.75
C SER D 58 -16.28 -36.60 15.00
N THR D 59 -15.57 -37.02 13.97
CA THR D 59 -14.60 -38.09 14.16
C THR D 59 -13.15 -37.59 14.25
N ARG D 60 -12.53 -37.83 15.39
CA ARG D 60 -11.17 -37.40 15.64
C ARG D 60 -10.19 -38.13 14.75
N GLU D 61 -9.27 -37.37 14.16
CA GLU D 61 -8.21 -37.97 13.38
C GLU D 61 -7.35 -38.79 14.32
N SER D 62 -6.71 -39.83 13.80
CA SER D 62 -5.83 -40.65 14.60
C SER D 62 -4.75 -39.79 15.23
N GLY D 63 -4.55 -39.91 16.54
CA GLY D 63 -3.50 -39.17 17.21
C GLY D 63 -3.90 -37.81 17.75
N VAL D 64 -5.03 -37.28 17.30
CA VAL D 64 -5.54 -36.02 17.86
C VAL D 64 -6.02 -36.25 19.30
N PRO D 65 -5.57 -35.39 20.21
CA PRO D 65 -5.92 -35.51 21.63
C PRO D 65 -7.41 -35.42 21.93
N ASP D 66 -7.82 -36.15 22.97
CA ASP D 66 -9.17 -36.16 23.51
C ASP D 66 -9.88 -34.81 23.61
N ARG D 67 -9.14 -33.76 23.96
CA ARG D 67 -9.80 -32.46 24.24
C ARG D 67 -10.50 -31.90 23.02
N PHE D 68 -10.08 -32.30 21.83
CA PHE D 68 -10.72 -31.84 20.60
C PHE D 68 -11.92 -32.73 20.28
N SER D 69 -13.05 -32.11 19.94
CA SER D 69 -14.22 -32.85 19.51
C SER D 69 -15.14 -31.92 18.73
N GLY D 70 -15.79 -32.45 17.72
CA GLY D 70 -16.71 -31.65 16.91
C GLY D 70 -18.09 -32.26 16.95
N SER D 71 -19.10 -31.43 16.73
CA SER D 71 -20.49 -31.89 16.74
C SER D 71 -21.28 -31.19 15.66
N GLY D 72 -22.55 -31.59 15.48
CA GLY D 72 -23.41 -30.97 14.50
C GLY D 72 -23.76 -31.82 13.29
N SER D 73 -24.73 -31.34 12.52
CA SER D 73 -25.24 -32.09 11.38
C SER D 73 -25.85 -31.16 10.36
N GLY D 74 -25.57 -31.46 9.10
CA GLY D 74 -26.22 -30.78 8.00
C GLY D 74 -25.70 -29.39 7.75
N THR D 75 -26.05 -28.45 8.62
CA THR D 75 -25.74 -27.05 8.36
C THR D 75 -24.92 -26.35 9.44
N ASP D 76 -25.14 -26.69 10.70
CA ASP D 76 -24.46 -26.01 11.81
C ASP D 76 -23.49 -26.93 12.51
N PHE D 77 -22.24 -26.51 12.62
CA PHE D 77 -21.23 -27.35 13.26
C PHE D 77 -20.43 -26.61 14.31
N THR D 78 -19.84 -27.38 15.22
CA THR D 78 -19.06 -26.80 16.30
C THR D 78 -17.82 -27.63 16.59
N LEU D 79 -16.69 -26.93 16.68
CA LEU D 79 -15.49 -27.53 17.23
C LEU D 79 -15.36 -27.07 18.67
N THR D 80 -14.97 -27.99 19.55
CA THR D 80 -14.85 -27.70 20.98
C THR D 80 -13.53 -28.25 21.50
N ILE D 81 -12.86 -27.45 22.31
CA ILE D 81 -11.63 -27.85 22.95
C ILE D 81 -11.93 -27.87 24.44
N SER D 82 -12.05 -29.07 25.02
CA SER D 82 -12.47 -29.23 26.41
C SER D 82 -11.78 -28.20 27.27
N SER D 83 -10.46 -28.32 27.36
CA SER D 83 -9.68 -27.39 28.16
C SER D 83 -8.45 -26.94 27.38
N LEU D 84 -8.43 -25.65 27.06
CA LEU D 84 -7.40 -25.10 26.21
C LEU D 84 -6.02 -25.21 26.82
N GLN D 85 -5.07 -25.67 26.00
CA GLN D 85 -3.68 -25.72 26.36
C GLN D 85 -2.92 -24.62 25.66
N ALA D 86 -1.80 -24.22 26.25
CA ALA D 86 -0.97 -23.17 25.69
C ALA D 86 -0.60 -23.47 24.24
N GLU D 87 -0.43 -24.74 23.91
CA GLU D 87 0.10 -25.17 22.63
C GLU D 87 -0.97 -25.31 21.58
N ASP D 88 -2.22 -25.00 21.96
CA ASP D 88 -3.38 -25.16 21.09
C ASP D 88 -3.73 -23.86 20.41
N VAL D 89 -2.93 -22.81 20.64
CA VAL D 89 -3.20 -21.54 20.02
C VAL D 89 -2.86 -21.61 18.55
N ALA D 90 -3.85 -21.27 17.74
CA ALA D 90 -3.69 -21.44 16.31
C ALA D 90 -4.86 -20.80 15.61
N VAL D 91 -4.88 -20.94 14.29
CA VAL D 91 -6.08 -20.62 13.55
C VAL D 91 -6.76 -21.91 13.18
N TYR D 92 -8.07 -21.97 13.39
CA TYR D 92 -8.84 -23.17 13.11
C TYR D 92 -9.76 -22.98 11.92
N TYR D 93 -9.74 -23.94 10.99
CA TYR D 93 -10.59 -23.86 9.83
C TYR D 93 -11.57 -25.02 9.76
N CYS D 94 -12.81 -24.71 9.44
CA CYS D 94 -13.71 -25.75 8.99
C CYS D 94 -13.70 -25.82 7.46
N GLN D 95 -13.97 -26.99 6.93
CA GLN D 95 -14.03 -27.17 5.50
C GLN D 95 -15.17 -28.12 5.15
N GLN D 96 -15.98 -27.75 4.16
CA GLN D 96 -16.92 -28.71 3.62
C GLN D 96 -16.26 -29.49 2.46
N TYR D 97 -16.41 -30.80 2.46
CA TYR D 97 -16.00 -31.59 1.33
C TYR D 97 -17.17 -32.41 0.85
N TYR D 98 -18.32 -31.75 0.76
CA TYR D 98 -19.56 -32.38 0.31
C TYR D 98 -19.72 -32.29 -1.21
N SER D 99 -19.27 -31.18 -1.80
CA SER D 99 -19.42 -30.95 -3.21
C SER D 99 -18.38 -29.95 -3.69
N ALA D 100 -17.92 -30.11 -4.93
CA ALA D 100 -16.91 -29.22 -5.48
C ALA D 100 -17.51 -27.87 -5.80
N PRO D 101 -16.73 -26.79 -5.65
CA PRO D 101 -15.36 -26.80 -5.11
C PRO D 101 -15.32 -26.98 -3.61
N LEU D 102 -14.43 -27.82 -3.10
CA LEU D 102 -14.25 -27.90 -1.66
C LEU D 102 -13.94 -26.49 -1.18
N THR D 103 -14.53 -26.10 -0.06
CA THR D 103 -14.37 -24.72 0.42
C THR D 103 -14.13 -24.67 1.91
N PHE D 104 -13.42 -23.63 2.33
CA PHE D 104 -13.00 -23.46 3.72
C PHE D 104 -13.68 -22.25 4.35
N GLY D 105 -13.97 -22.33 5.63
CA GLY D 105 -14.32 -21.14 6.37
C GLY D 105 -13.13 -20.17 6.46
N GLY D 106 -13.37 -18.97 6.97
CA GLY D 106 -12.34 -17.97 7.03
C GLY D 106 -11.37 -18.17 8.17
N GLY D 107 -11.57 -19.21 8.95
CA GLY D 107 -10.69 -19.47 10.08
C GLY D 107 -11.05 -18.70 11.32
N THR D 108 -10.76 -19.31 12.47
CA THR D 108 -10.95 -18.68 13.77
C THR D 108 -9.63 -18.75 14.52
N LYS D 109 -9.23 -17.64 15.11
CA LYS D 109 -7.96 -17.57 15.80
C LYS D 109 -8.19 -17.82 17.29
N VAL D 110 -7.49 -18.79 17.85
CA VAL D 110 -7.62 -19.09 19.27
C VAL D 110 -6.37 -18.63 20.03
N GLU D 111 -6.57 -17.73 20.99
CA GLU D 111 -5.48 -17.22 21.82
C GLU D 111 -5.76 -17.50 23.28
N ILE D 112 -4.73 -17.44 24.11
CA ILE D 112 -4.87 -17.68 25.54
C ILE D 112 -5.06 -16.38 26.30
N LYS D 113 -6.09 -16.29 27.14
CA LYS D 113 -6.19 -15.22 28.12
C LYS D 113 -5.18 -15.53 29.22
N ARG D 114 -4.35 -14.55 29.54
CA ARG D 114 -3.16 -14.74 30.38
C ARG D 114 -3.08 -13.55 31.32
N THR D 115 -2.24 -13.60 32.35
CA THR D 115 -2.06 -12.41 33.17
C THR D 115 -1.14 -11.41 32.49
N VAL D 116 -1.39 -10.12 32.77
CA VAL D 116 -0.52 -9.07 32.26
C VAL D 116 0.95 -9.41 32.54
N ALA D 117 1.83 -9.10 31.60
CA ALA D 117 3.25 -9.32 31.81
C ALA D 117 3.97 -8.24 31.05
N ALA D 118 4.94 -7.62 31.70
CA ALA D 118 5.64 -6.45 31.16
C ALA D 118 6.73 -6.85 30.19
N PRO D 119 6.91 -6.06 29.13
CA PRO D 119 7.99 -6.35 28.18
C PRO D 119 9.36 -6.06 28.76
N SER D 120 10.36 -6.83 28.35
CA SER D 120 11.77 -6.47 28.57
C SER D 120 12.18 -5.72 27.33
N VAL D 121 12.74 -4.53 27.52
CA VAL D 121 13.06 -3.65 26.41
C VAL D 121 14.56 -3.55 26.13
N PHE D 122 14.91 -3.74 24.87
CA PHE D 122 16.28 -3.66 24.40
C PHE D 122 16.39 -2.72 23.21
N ILE D 123 17.42 -1.88 23.20
CA ILE D 123 17.65 -0.93 22.14
C ILE D 123 18.89 -1.39 21.39
N PHE D 124 18.93 -1.18 20.08
CA PHE D 124 20.06 -1.59 19.25
C PHE D 124 20.47 -0.50 18.26
N PRO D 125 21.70 0.03 18.41
CA PRO D 125 22.20 0.98 17.43
C PRO D 125 22.65 0.29 16.16
N PRO D 126 22.64 1.00 15.02
CA PRO D 126 23.04 0.45 13.73
C PRO D 126 24.47 -0.08 13.82
N SER D 127 24.77 -1.12 13.06
CA SER D 127 26.04 -1.83 13.15
C SER D 127 27.14 -1.21 12.29
N ASP D 128 28.38 -1.63 12.56
CA ASP D 128 29.50 -1.21 11.73
C ASP D 128 29.19 -1.47 10.26
N GLU D 129 28.85 -2.72 9.94
CA GLU D 129 28.61 -3.10 8.55
C GLU D 129 27.56 -2.23 7.89
N GLN D 130 26.40 -2.08 8.52
CA GLN D 130 25.28 -1.33 7.93
C GLN D 130 25.60 0.16 7.73
N LEU D 131 26.48 0.69 8.57
CA LEU D 131 26.93 2.08 8.41
C LEU D 131 27.58 2.30 7.04
N LYS D 132 28.30 1.30 6.54
CA LYS D 132 28.82 1.32 5.18
C LYS D 132 27.68 1.13 4.16
N SER D 133 26.98 2.23 3.91
CA SER D 133 25.79 2.29 3.08
C SER D 133 25.01 3.48 3.61
N GLY D 134 24.27 4.16 2.74
CA GLY D 134 23.63 5.40 3.13
C GLY D 134 22.48 5.28 4.11
N THR D 135 22.44 4.20 4.88
CA THR D 135 21.28 3.93 5.75
C THR D 135 21.63 3.59 7.20
N ALA D 136 20.76 4.02 8.11
CA ALA D 136 20.87 3.63 9.52
C ALA D 136 19.56 2.97 10.00
N SER D 137 19.66 1.80 10.62
CA SER D 137 18.47 1.15 11.19
C SER D 137 18.61 0.93 12.69
N VAL D 138 17.81 1.67 13.45
CA VAL D 138 17.79 1.50 14.89
C VAL D 138 16.71 0.47 15.22
N VAL D 139 17.02 -0.46 16.12
CA VAL D 139 16.05 -1.49 16.46
C VAL D 139 15.72 -1.53 17.93
N CYS D 140 14.43 -1.65 18.21
CA CYS D 140 13.93 -1.77 19.56
C CYS D 140 13.20 -3.10 19.70
N LEU D 141 13.61 -3.90 20.67
CA LEU D 141 12.97 -5.19 20.93
C LEU D 141 12.16 -5.19 22.24
N LEU D 142 10.87 -5.54 22.14
CA LEU D 142 10.04 -5.80 23.32
C LEU D 142 9.83 -7.28 23.45
N ASN D 143 10.34 -7.86 24.53
CA ASN D 143 10.36 -9.31 24.67
C ASN D 143 9.36 -9.87 25.69
N ASN D 144 8.60 -10.87 25.26
CA ASN D 144 7.75 -11.66 26.15
C ASN D 144 6.81 -10.88 27.06
N PHE D 145 5.85 -10.18 26.47
CA PHE D 145 4.88 -9.41 27.23
C PHE D 145 3.46 -9.86 26.93
N TYR D 146 2.53 -9.45 27.79
CA TYR D 146 1.10 -9.66 27.58
C TYR D 146 0.34 -8.53 28.25
N PRO D 147 -0.72 -8.02 27.60
CA PRO D 147 -1.32 -8.41 26.34
C PRO D 147 -0.54 -7.91 25.12
N ARG D 148 -1.02 -8.26 23.93
CA ARG D 148 -0.33 -7.95 22.67
C ARG D 148 -0.19 -6.46 22.43
N GLU D 149 -1.19 -5.67 22.84
CA GLU D 149 -1.18 -4.23 22.59
C GLU D 149 -0.05 -3.57 23.31
N ALA D 150 0.86 -2.97 22.56
CA ALA D 150 1.96 -2.20 23.13
C ALA D 150 2.18 -1.00 22.24
N LYS D 151 2.77 0.05 22.78
CA LYS D 151 2.98 1.28 22.02
C LYS D 151 4.46 1.61 22.04
N VAL D 152 5.06 1.69 20.85
CA VAL D 152 6.47 2.06 20.77
C VAL D 152 6.67 3.44 20.14
N GLN D 153 7.22 4.36 20.92
CA GLN D 153 7.41 5.73 20.50
C GLN D 153 8.88 5.93 20.19
N TRP D 154 9.17 6.39 18.98
CA TRP D 154 10.54 6.73 18.63
C TRP D 154 10.79 8.21 18.86
N LYS D 155 11.74 8.51 19.74
CA LYS D 155 12.06 9.91 20.02
C LYS D 155 13.48 10.18 19.57
N VAL D 156 13.61 11.05 18.57
CA VAL D 156 14.91 11.46 18.06
C VAL D 156 15.27 12.84 18.62
N ASP D 157 16.29 12.89 19.46
CA ASP D 157 16.63 14.10 20.19
C ASP D 157 15.41 14.57 20.97
N ASN D 158 14.84 13.63 21.72
CA ASN D 158 13.61 13.90 22.46
C ASN D 158 12.59 14.67 21.61
N ALA D 159 12.51 14.30 20.34
CA ALA D 159 11.41 14.71 19.46
C ALA D 159 10.83 13.44 18.83
N LEU D 160 9.50 13.31 18.85
CA LEU D 160 8.87 12.05 18.44
C LEU D 160 8.68 11.95 16.94
N GLN D 161 8.94 10.75 16.40
CA GLN D 161 8.84 10.47 14.97
C GLN D 161 7.43 10.02 14.60
N SER D 162 7.15 9.96 13.31
CA SER D 162 5.92 9.35 12.84
C SER D 162 6.00 9.05 11.36
N GLY D 163 5.80 7.80 10.98
CA GLY D 163 5.85 7.39 9.57
C GLY D 163 7.23 7.08 9.02
N ASN D 164 8.20 6.87 9.92
CA ASN D 164 9.57 6.53 9.53
C ASN D 164 10.10 5.25 10.19
N SER D 165 9.18 4.45 10.75
CA SER D 165 9.52 3.18 11.40
C SER D 165 8.42 2.14 11.23
N GLN D 166 8.75 0.87 11.47
CA GLN D 166 7.74 -0.19 11.49
C GLN D 166 8.08 -1.39 12.38
N GLU D 167 7.02 -2.05 12.84
CA GLU D 167 7.18 -3.12 13.80
C GLU D 167 6.66 -4.46 13.29
N SER D 168 7.16 -5.51 13.89
CA SER D 168 6.65 -6.84 13.65
C SER D 168 6.35 -7.41 15.02
N VAL D 169 5.26 -8.18 15.12
CA VAL D 169 4.87 -8.82 16.36
C VAL D 169 4.84 -10.32 16.10
N THR D 170 5.25 -11.11 17.08
CA THR D 170 5.16 -12.55 16.91
C THR D 170 3.75 -13.02 17.17
N GLU D 171 3.49 -14.28 16.84
CA GLU D 171 2.26 -14.90 17.27
C GLU D 171 2.43 -15.39 18.70
N GLN D 172 1.33 -15.70 19.37
CA GLN D 172 1.41 -16.00 20.78
C GLN D 172 2.31 -17.21 21.04
N ASP D 173 3.22 -17.07 22.01
CA ASP D 173 4.11 -18.16 22.36
C ASP D 173 3.39 -19.42 22.85
N SER D 174 3.77 -20.57 22.28
CA SER D 174 3.09 -21.84 22.55
C SER D 174 3.34 -22.40 23.95
N LYS D 175 4.35 -21.86 24.65
CA LYS D 175 4.65 -22.30 26.00
C LYS D 175 4.17 -21.31 27.08
N ASP D 176 4.43 -20.02 26.91
CA ASP D 176 4.14 -19.08 27.99
C ASP D 176 3.13 -18.01 27.58
N SER D 177 2.56 -18.19 26.39
CA SER D 177 1.47 -17.35 25.91
C SER D 177 1.76 -15.84 25.87
N THR D 178 3.02 -15.47 25.76
CA THR D 178 3.37 -14.06 25.62
C THR D 178 3.62 -13.67 24.15
N TYR D 179 3.91 -12.40 23.93
CA TYR D 179 4.27 -11.91 22.61
C TYR D 179 5.61 -11.19 22.63
N SER D 180 6.21 -11.08 21.45
CA SER D 180 7.39 -10.25 21.26
C SER D 180 7.19 -9.29 20.09
N LEU D 181 7.94 -8.18 20.08
CA LEU D 181 7.72 -7.12 19.09
C LEU D 181 9.01 -6.37 18.82
N SER D 182 9.41 -6.31 17.57
CA SER D 182 10.55 -5.49 17.20
C SER D 182 10.09 -4.28 16.39
N SER D 183 10.60 -3.10 16.74
CA SER D 183 10.34 -1.89 15.98
C SER D 183 11.65 -1.46 15.31
N THR D 184 11.60 -1.20 14.01
CA THR D 184 12.78 -0.62 13.35
C THR D 184 12.58 0.83 12.89
N LEU D 185 13.47 1.70 13.35
CA LEU D 185 13.51 3.08 12.86
C LEU D 185 14.59 3.17 11.78
N THR D 186 14.17 3.55 10.57
CA THR D 186 15.08 3.57 9.45
C THR D 186 15.26 5.00 8.93
N LEU D 187 16.48 5.50 9.02
CA LEU D 187 16.84 6.85 8.58
C LEU D 187 18.04 6.82 7.65
N SER D 188 17.99 7.62 6.59
CA SER D 188 19.15 7.76 5.74
C SER D 188 20.30 8.22 6.64
N LYS D 189 21.51 7.73 6.39
CA LYS D 189 22.67 8.07 7.21
C LYS D 189 22.81 9.58 7.36
N ALA D 190 22.30 10.32 6.37
CA ALA D 190 22.34 11.78 6.40
C ALA D 190 21.49 12.36 7.54
N ASP D 191 20.29 11.82 7.71
CA ASP D 191 19.43 12.22 8.82
C ASP D 191 20.03 11.70 10.12
N TYR D 192 20.57 10.49 10.09
CA TYR D 192 21.14 9.86 11.29
C TYR D 192 22.21 10.74 11.91
N GLU D 193 23.04 11.34 11.07
CA GLU D 193 24.16 12.09 11.57
C GLU D 193 23.68 13.43 12.13
N LYS D 194 22.61 13.94 11.53
CA LYS D 194 21.94 15.17 11.96
C LYS D 194 21.49 15.23 13.43
N HIS D 195 21.36 14.08 14.10
CA HIS D 195 20.92 14.07 15.49
C HIS D 195 21.83 13.26 16.42
N LYS D 196 21.75 13.56 17.73
CA LYS D 196 22.55 12.90 18.77
C LYS D 196 21.76 11.92 19.66
N VAL D 197 20.47 12.17 19.86
CA VAL D 197 19.69 11.34 20.80
C VAL D 197 18.66 10.45 20.12
N TYR D 198 18.77 9.14 20.30
CA TYR D 198 17.79 8.20 19.73
C TYR D 198 17.11 7.36 20.79
N ALA D 199 15.82 7.60 20.96
CA ALA D 199 15.08 7.03 22.07
C ALA D 199 14.02 6.03 21.65
N CYS D 200 13.83 5.05 22.51
CA CYS D 200 12.83 4.01 22.33
C CYS D 200 11.91 4.07 23.54
N GLU D 201 10.67 4.48 23.35
CA GLU D 201 9.78 4.70 24.47
C GLU D 201 8.59 3.76 24.45
N VAL D 202 8.47 2.95 25.48
CA VAL D 202 7.47 1.87 25.48
C VAL D 202 6.40 2.06 26.53
N THR D 203 5.15 2.01 26.07
CA THR D 203 3.99 2.07 26.93
C THR D 203 3.27 0.75 26.80
N HIS D 204 2.82 0.22 27.92
CA HIS D 204 2.22 -1.11 27.92
C HIS D 204 1.50 -1.33 29.24
N GLN D 205 0.53 -2.24 29.23
CA GLN D 205 -0.32 -2.46 30.39
C GLN D 205 0.46 -2.96 31.60
N GLY D 206 1.60 -3.57 31.35
CA GLY D 206 2.40 -4.11 32.43
C GLY D 206 3.29 -3.07 33.10
N LEU D 207 3.43 -1.91 32.47
CA LEU D 207 4.33 -0.87 32.96
C LEU D 207 3.59 0.25 33.65
N ARG D 208 3.94 0.48 34.91
CA ARG D 208 3.36 1.55 35.71
C ARG D 208 3.52 2.88 35.00
N SER D 209 4.61 3.01 34.25
CA SER D 209 4.87 4.22 33.51
C SER D 209 5.89 3.91 32.44
N PRO D 210 5.77 4.60 31.29
CA PRO D 210 6.56 4.37 30.08
C PRO D 210 8.03 4.07 30.37
N VAL D 211 8.54 3.03 29.72
CA VAL D 211 9.95 2.68 29.84
C VAL D 211 10.64 3.15 28.58
N THR D 212 11.75 3.87 28.76
CA THR D 212 12.50 4.44 27.66
C THR D 212 13.89 3.84 27.62
N LYS D 213 14.28 3.35 26.45
CA LYS D 213 15.64 2.88 26.24
C LYS D 213 16.32 3.73 25.14
N SER D 214 17.59 4.11 25.33
CA SER D 214 18.24 4.88 24.26
C SER D 214 19.77 4.89 24.23
N PHE D 215 20.31 5.68 23.30
CA PHE D 215 21.74 5.82 23.06
C PHE D 215 22.02 7.14 22.33
N ASN D 216 23.30 7.39 21.99
CA ASN D 216 23.71 8.60 21.27
C ASN D 216 24.70 8.36 20.11
N ARG D 217 24.57 9.17 19.05
CA ARG D 217 25.57 9.28 17.97
C ARG D 217 24.98 9.76 16.62
#